data_1Z25
#
_entry.id   1Z25
#
_cell.length_a   68.662
_cell.length_b   105.108
_cell.length_c   73.662
_cell.angle_alpha   90.00
_cell.angle_beta   102.70
_cell.angle_gamma   90.00
#
_symmetry.space_group_name_H-M   'P 1 21 1'
#
loop_
_entity.id
_entity.type
_entity.pdbx_description
1 polymer Argonaute
2 non-polymer 'MANGANESE (II) ION'
3 water water
#
_entity_poly.entity_id   1
_entity_poly.type   'polypeptide(L)'
_entity_poly.pdbx_seq_one_letter_code
;SMKAIVVINLVKINKKIIPDKIYVYRLFNDPEEELQKEGYSIYRLAYENVGIVIDPENLIIATTKELEYEGEFIPEGEIS
FSELRNDYQSKLVLRLLKENGIGEYELSKLLRKFRKPKTFGDYKVIPSVEMSVIKHDEDFYLVIHIIHQIQSMKTLWELV
NKDPKELEEFLMTHKENLMLKDIASPLKTVYKPCFEEYTKKPKLDHNQEIVKYWYNYHIERYWNTPEAKLEFYRKFGQVD
LKQPAILAKFASKIKKNKNYKIYLLPQLVVPTYNAEQLESDVAKEILEYTKLMPEERKELLENILAEVDSDIIDKSLSEI
EVEKIAQELENKIRVRDDKGNSVPISQLNVQKSQLLLWTNYSRKYPVILPYEVPEKFRKIREIPMFIILDSGLLADIQNF
ATNEFRELVKSMYYSLAKKYNSLAKKARSTNEIGLPFLDFRGKEKVITEDLNSDKGIIEVVEQVSSFMKGKELGLAFIAA
RNKLSSEKFEEIKRRLFNLNVISQVVNEDTLKNKRDKYDRNRLDLFVRHNLLFQVLSKLGVKYYVLDYRFNYDYIIGIDV
APMKRSEGYIGGSAVMFDSQGYIRKIVPIKIGEQRGESVDMNEFFKEMVDKFKEFNIKLDNKKILLLRDGRITNNEEEGL
KYISEMFDIEVVTMDVIKNHPVRAFANMKMYFNLGGAIYLIPHKLKQAKGTPIPIKLAKKRIIKNGKVEKQSITRQDVLD
IFILTRLNYGSISADMRLPAPVHYAHKFANAIRNEWKIKEEFLAEGFLYFV
;
_entity_poly.pdbx_strand_id   A
#
loop_
_chem_comp.id
_chem_comp.type
_chem_comp.name
_chem_comp.formula
MN non-polymer 'MANGANESE (II) ION' 'Mn 2'
#
# COMPACT_ATOMS: atom_id res chain seq x y z
N SER A 1 -26.44 -11.26 -2.83
CA SER A 1 -27.78 -11.92 -2.76
C SER A 1 -28.84 -11.00 -2.18
N MET A 2 -28.68 -10.63 -0.91
CA MET A 2 -29.65 -9.77 -0.24
C MET A 2 -29.07 -8.49 0.36
N LYS A 3 -29.95 -7.56 0.72
CA LYS A 3 -29.57 -6.28 1.32
C LYS A 3 -29.37 -6.37 2.83
N ALA A 4 -28.71 -5.37 3.40
CA ALA A 4 -28.48 -5.35 4.83
C ALA A 4 -28.20 -3.94 5.32
N ILE A 5 -28.27 -3.75 6.63
CA ILE A 5 -28.01 -2.45 7.21
C ILE A 5 -26.78 -2.59 8.11
N VAL A 6 -25.75 -1.78 7.85
CA VAL A 6 -24.57 -1.86 8.68
C VAL A 6 -24.28 -0.45 9.17
N VAL A 7 -23.51 -0.36 10.23
CA VAL A 7 -23.14 0.92 10.78
C VAL A 7 -21.81 1.29 10.16
N ILE A 8 -21.67 2.55 9.81
CA ILE A 8 -20.46 3.06 9.20
C ILE A 8 -19.92 4.16 10.11
N ASN A 9 -18.66 4.53 9.95
CA ASN A 9 -18.08 5.54 10.82
C ASN A 9 -18.40 7.00 10.49
N LEU A 10 -19.62 7.24 10.04
CA LEU A 10 -20.06 8.60 9.73
C LEU A 10 -21.10 9.05 10.75
N VAL A 11 -21.21 10.36 10.93
CA VAL A 11 -22.17 10.92 11.85
C VAL A 11 -22.70 12.22 11.22
N LYS A 12 -23.99 12.23 10.91
CA LYS A 12 -24.62 13.38 10.27
C LYS A 12 -24.37 14.72 10.97
N ILE A 13 -24.11 15.73 10.16
CA ILE A 13 -23.84 17.08 10.64
C ILE A 13 -25.12 17.91 10.50
N ASN A 14 -25.32 18.86 11.42
CA ASN A 14 -26.52 19.69 11.39
C ASN A 14 -26.45 20.85 10.40
N LYS A 15 -27.42 20.90 9.49
CA LYS A 15 -27.46 21.95 8.47
C LYS A 15 -27.20 23.33 9.03
N LYS A 16 -27.58 23.54 10.29
CA LYS A 16 -27.37 24.83 10.93
C LYS A 16 -25.91 25.26 10.97
N ILE A 17 -25.00 24.38 10.60
CA ILE A 17 -23.58 24.72 10.62
C ILE A 17 -23.20 25.50 9.38
N ILE A 18 -24.06 25.46 8.37
CA ILE A 18 -23.81 26.17 7.13
C ILE A 18 -23.85 27.68 7.40
N PRO A 19 -22.80 28.39 6.95
CA PRO A 19 -22.65 29.84 7.13
C PRO A 19 -23.63 30.74 6.39
N ASP A 20 -23.99 31.85 7.04
CA ASP A 20 -24.90 32.85 6.45
C ASP A 20 -24.30 33.39 5.16
N LYS A 21 -23.17 34.10 5.27
CA LYS A 21 -22.49 34.67 4.11
C LYS A 21 -21.06 34.17 3.93
N ILE A 22 -20.65 34.04 2.67
CA ILE A 22 -19.30 33.58 2.33
C ILE A 22 -18.61 34.65 1.46
N TYR A 23 -17.34 34.94 1.77
CA TYR A 23 -16.56 35.93 1.05
C TYR A 23 -15.43 35.36 0.19
N VAL A 24 -15.39 35.73 -1.09
CA VAL A 24 -14.34 35.24 -1.98
C VAL A 24 -13.25 36.32 -2.09
N TYR A 25 -12.01 35.89 -2.33
CA TYR A 25 -10.86 36.81 -2.45
C TYR A 25 -9.78 36.28 -3.39
N ARG A 26 -9.15 37.19 -4.13
CA ARG A 26 -8.08 36.83 -5.08
C ARG A 26 -6.73 37.41 -4.71
N LEU A 27 -5.67 36.64 -4.96
CA LEU A 27 -4.31 37.06 -4.67
C LEU A 27 -3.41 36.76 -5.87
N TYR A 40 3.27 30.88 7.40
CA TYR A 40 2.09 31.42 6.72
C TYR A 40 2.09 31.00 5.25
N SER A 41 0.89 31.03 4.64
CA SER A 41 0.72 30.63 3.24
C SER A 41 -0.74 30.85 2.86
N ILE A 42 -1.06 30.54 1.61
CA ILE A 42 -2.42 30.72 1.11
C ILE A 42 -3.42 29.87 1.91
N TYR A 43 -3.01 28.67 2.27
CA TYR A 43 -3.85 27.75 3.04
C TYR A 43 -3.99 28.20 4.49
N ARG A 44 -2.95 28.84 5.01
CA ARG A 44 -2.97 29.32 6.39
C ARG A 44 -3.89 30.50 6.44
N LEU A 45 -3.70 31.43 5.51
CA LEU A 45 -4.52 32.62 5.41
C LEU A 45 -6.00 32.23 5.49
N ALA A 46 -6.40 31.27 4.65
CA ALA A 46 -7.77 30.80 4.64
C ALA A 46 -8.15 30.26 6.02
N TYR A 47 -7.40 29.27 6.49
CA TYR A 47 -7.67 28.66 7.80
C TYR A 47 -7.76 29.74 8.87
N GLU A 48 -6.86 30.72 8.80
CA GLU A 48 -6.83 31.81 9.78
C GLU A 48 -8.15 32.59 9.77
N ASN A 49 -8.73 32.72 8.59
CA ASN A 49 -9.98 33.46 8.42
C ASN A 49 -11.25 32.57 8.43
N VAL A 50 -11.11 31.32 8.85
CA VAL A 50 -12.24 30.39 8.89
C VAL A 50 -12.77 30.22 7.47
N GLY A 51 -11.87 29.87 6.55
CA GLY A 51 -12.27 29.70 5.17
C GLY A 51 -11.45 28.63 4.47
N ILE A 52 -11.49 28.61 3.14
CA ILE A 52 -10.73 27.62 2.40
C ILE A 52 -10.23 28.15 1.05
N VAL A 53 -9.36 27.36 0.41
CA VAL A 53 -8.79 27.73 -0.88
C VAL A 53 -9.64 27.15 -2.00
N ILE A 54 -10.37 28.01 -2.70
CA ILE A 54 -11.22 27.58 -3.81
C ILE A 54 -10.38 27.25 -5.04
N ASP A 55 -9.35 28.05 -5.28
CA ASP A 55 -8.48 27.86 -6.44
C ASP A 55 -7.00 28.07 -6.10
N PRO A 56 -6.23 26.97 -6.02
CA PRO A 56 -4.80 26.93 -5.71
C PRO A 56 -3.92 27.85 -6.54
N GLU A 57 -4.14 27.86 -7.86
CA GLU A 57 -3.36 28.69 -8.76
C GLU A 57 -3.68 30.16 -8.62
N ASN A 58 -4.88 30.55 -9.05
CA ASN A 58 -5.29 31.94 -8.99
C ASN A 58 -5.52 32.43 -7.56
N LEU A 59 -4.92 31.73 -6.60
CA LEU A 59 -5.02 32.08 -5.17
C LEU A 59 -6.36 32.71 -4.79
N ILE A 60 -7.44 31.95 -4.98
CA ILE A 60 -8.79 32.41 -4.65
C ILE A 60 -9.28 31.70 -3.39
N ILE A 61 -9.64 32.46 -2.36
CA ILE A 61 -10.10 31.85 -1.12
C ILE A 61 -11.53 32.24 -0.73
N ALA A 62 -12.23 31.28 -0.10
CA ALA A 62 -13.61 31.49 0.35
C ALA A 62 -13.60 31.58 1.87
N THR A 63 -14.02 32.71 2.41
CA THR A 63 -14.00 32.93 3.84
C THR A 63 -15.34 33.24 4.49
N THR A 64 -15.55 32.73 5.70
CA THR A 64 -16.80 32.99 6.41
C THR A 64 -16.63 34.20 7.33
N LYS A 65 -15.43 34.77 7.29
CA LYS A 65 -15.12 35.95 8.08
C LYS A 65 -14.51 37.00 7.15
N GLU A 66 -14.73 38.27 7.45
CA GLU A 66 -14.15 39.34 6.65
C GLU A 66 -12.64 39.08 6.60
N LEU A 67 -12.13 38.79 5.41
CA LEU A 67 -10.72 38.47 5.22
C LEU A 67 -9.70 39.49 5.72
N GLU A 68 -9.01 39.15 6.81
CA GLU A 68 -7.97 40.02 7.36
C GLU A 68 -6.65 39.58 6.74
N TYR A 69 -5.99 40.50 6.05
CA TYR A 69 -4.72 40.22 5.39
C TYR A 69 -4.01 41.53 5.10
N GLU A 70 -2.94 41.79 5.85
CA GLU A 70 -2.20 43.04 5.71
C GLU A 70 -1.31 43.17 4.48
N GLY A 71 -1.63 42.41 3.44
CA GLY A 71 -0.90 42.46 2.20
C GLY A 71 -1.87 42.87 1.10
N GLU A 72 -1.55 42.54 -0.16
CA GLU A 72 -2.45 42.89 -1.26
C GLU A 72 -3.51 41.82 -1.39
N PHE A 73 -4.53 42.09 -2.19
CA PHE A 73 -5.61 41.13 -2.43
C PHE A 73 -6.81 41.83 -3.01
N ILE A 74 -7.62 41.10 -3.75
CA ILE A 74 -8.78 41.70 -4.36
C ILE A 74 -10.07 40.98 -3.98
N PRO A 75 -11.00 41.70 -3.34
CA PRO A 75 -12.26 41.06 -2.95
C PRO A 75 -13.07 40.74 -4.19
N GLU A 76 -13.48 39.47 -4.31
CA GLU A 76 -14.28 39.04 -5.44
C GLU A 76 -15.76 38.91 -5.07
N GLY A 77 -16.15 39.59 -3.99
CA GLY A 77 -17.54 39.58 -3.56
C GLY A 77 -18.06 38.33 -2.90
N GLU A 78 -19.23 38.46 -2.28
CA GLU A 78 -19.88 37.35 -1.58
C GLU A 78 -20.36 36.25 -2.51
N ILE A 79 -20.46 35.05 -1.95
CA ILE A 79 -20.89 33.85 -2.66
C ILE A 79 -21.74 33.07 -1.67
N SER A 80 -22.57 32.15 -2.15
CA SER A 80 -23.40 31.35 -1.26
C SER A 80 -22.94 29.89 -1.23
N PHE A 81 -23.16 29.26 -0.08
CA PHE A 81 -22.75 27.89 0.11
C PHE A 81 -23.20 26.95 -1.02
N SER A 82 -24.34 27.27 -1.64
CA SER A 82 -24.87 26.44 -2.72
C SER A 82 -24.07 26.56 -4.01
N GLU A 83 -23.18 27.54 -4.08
CA GLU A 83 -22.40 27.73 -5.30
C GLU A 83 -21.04 27.06 -5.33
N LEU A 84 -20.64 26.45 -4.22
CA LEU A 84 -19.36 25.76 -4.16
C LEU A 84 -19.51 24.34 -4.71
N ARG A 85 -18.48 23.84 -5.36
CA ARG A 85 -18.52 22.48 -5.87
C ARG A 85 -18.64 21.69 -4.57
N ASN A 86 -19.23 20.50 -4.63
CA ASN A 86 -19.41 19.68 -3.43
C ASN A 86 -18.19 19.65 -2.52
N ASP A 87 -17.08 19.24 -3.11
CA ASP A 87 -15.79 19.14 -2.44
C ASP A 87 -15.55 20.36 -1.57
N TYR A 88 -15.69 21.55 -2.15
CA TYR A 88 -15.46 22.75 -1.36
C TYR A 88 -16.47 22.93 -0.26
N GLN A 89 -17.69 22.45 -0.47
CA GLN A 89 -18.71 22.57 0.56
C GLN A 89 -18.27 21.73 1.73
N SER A 90 -17.80 20.53 1.42
CA SER A 90 -17.32 19.60 2.43
C SER A 90 -16.09 20.11 3.13
N LYS A 91 -15.16 20.68 2.38
CA LYS A 91 -13.95 21.22 3.00
C LYS A 91 -14.32 22.41 3.88
N LEU A 92 -15.23 23.25 3.41
CA LEU A 92 -15.64 24.39 4.19
C LEU A 92 -16.33 24.00 5.50
N VAL A 93 -17.15 22.95 5.46
CA VAL A 93 -17.85 22.47 6.66
C VAL A 93 -16.85 21.87 7.62
N LEU A 94 -15.95 21.05 7.10
CA LEU A 94 -14.92 20.44 7.93
C LEU A 94 -14.23 21.55 8.72
N ARG A 95 -13.85 22.63 8.03
CA ARG A 95 -13.21 23.78 8.65
C ARG A 95 -14.11 24.44 9.67
N LEU A 96 -15.41 24.46 9.41
CA LEU A 96 -16.35 25.07 10.34
C LEU A 96 -16.55 24.23 11.58
N LEU A 97 -16.55 22.91 11.40
CA LEU A 97 -16.72 22.00 12.52
C LEU A 97 -15.62 22.29 13.53
N LYS A 98 -14.40 22.53 13.04
CA LYS A 98 -13.27 22.83 13.90
C LYS A 98 -13.60 24.02 14.78
N GLU A 99 -14.08 25.10 14.17
CA GLU A 99 -14.43 26.28 14.92
C GLU A 99 -15.39 25.97 16.04
N ASN A 100 -16.04 24.81 15.97
CA ASN A 100 -16.98 24.40 17.01
C ASN A 100 -16.33 23.37 17.92
N GLY A 101 -15.01 23.32 17.88
CA GLY A 101 -14.28 22.39 18.72
C GLY A 101 -14.33 20.94 18.28
N ILE A 102 -14.66 20.69 17.02
CA ILE A 102 -14.73 19.33 16.52
C ILE A 102 -13.70 19.11 15.42
N GLY A 103 -12.46 18.88 15.84
CA GLY A 103 -11.38 18.66 14.91
C GLY A 103 -10.54 17.47 15.33
N GLU A 104 -9.52 17.16 14.54
CA GLU A 104 -8.65 16.02 14.83
C GLU A 104 -7.91 16.13 16.16
N TYR A 105 -7.58 17.35 16.55
CA TYR A 105 -6.88 17.56 17.80
C TYR A 105 -7.82 17.17 18.92
N GLU A 106 -8.93 17.87 19.02
CA GLU A 106 -9.91 17.63 20.07
C GLU A 106 -10.38 16.17 20.27
N LEU A 107 -10.98 15.56 19.24
CA LEU A 107 -11.46 14.18 19.33
C LEU A 107 -10.39 13.10 19.53
N SER A 108 -9.15 13.39 19.18
CA SER A 108 -8.08 12.40 19.37
C SER A 108 -7.78 12.29 20.85
N LYS A 109 -7.92 13.41 21.57
CA LYS A 109 -7.70 13.40 23.00
C LYS A 109 -8.83 12.60 23.64
N LEU A 110 -10.03 12.76 23.10
CA LEU A 110 -11.17 12.02 23.61
C LEU A 110 -10.93 10.52 23.38
N LEU A 111 -10.48 10.16 22.18
CA LEU A 111 -10.21 8.76 21.87
C LEU A 111 -9.25 8.16 22.88
N ARG A 112 -8.16 8.87 23.15
CA ARG A 112 -7.17 8.39 24.09
C ARG A 112 -7.67 8.29 25.51
N LYS A 113 -8.91 8.73 25.75
CA LYS A 113 -9.50 8.62 27.08
C LYS A 113 -9.97 7.19 27.23
N PHE A 114 -10.27 6.56 26.11
CA PHE A 114 -10.76 5.19 26.07
C PHE A 114 -9.76 4.19 25.49
N ARG A 115 -9.01 4.63 24.50
CA ARG A 115 -7.98 3.79 23.87
C ARG A 115 -6.68 4.51 24.17
N LYS A 116 -5.98 4.08 25.21
CA LYS A 116 -4.75 4.74 25.61
C LYS A 116 -3.49 4.26 24.93
N PRO A 117 -2.51 5.17 24.80
CA PRO A 117 -1.24 4.86 24.16
C PRO A 117 -0.63 3.66 24.87
N LYS A 118 -0.06 2.73 24.12
CA LYS A 118 0.57 1.57 24.71
C LYS A 118 1.98 1.50 24.18
N THR A 119 2.93 1.18 25.05
CA THR A 119 4.32 1.08 24.61
C THR A 119 4.75 -0.37 24.53
N PHE A 120 5.56 -0.69 23.51
CA PHE A 120 6.06 -2.04 23.28
C PHE A 120 7.56 -1.90 22.97
N GLY A 121 8.40 -2.35 23.89
CA GLY A 121 9.84 -2.24 23.67
C GLY A 121 10.11 -0.75 23.73
N ASP A 122 10.87 -0.25 22.76
CA ASP A 122 11.19 1.17 22.72
C ASP A 122 10.21 1.91 21.83
N TYR A 123 9.04 1.32 21.58
CA TYR A 123 8.06 1.96 20.71
C TYR A 123 6.69 2.20 21.35
N LYS A 124 6.13 3.38 21.11
CA LYS A 124 4.83 3.72 21.67
C LYS A 124 3.75 3.88 20.59
N VAL A 125 2.69 3.10 20.68
CA VAL A 125 1.60 3.22 19.70
C VAL A 125 0.61 4.28 20.17
N ILE A 126 0.41 5.31 19.36
CA ILE A 126 -0.49 6.39 19.73
C ILE A 126 -1.76 6.47 18.89
N PRO A 127 -2.92 6.22 19.51
CA PRO A 127 -4.18 6.28 18.76
C PRO A 127 -4.62 7.71 18.55
N SER A 128 -5.31 7.96 17.44
CA SER A 128 -5.83 9.29 17.15
C SER A 128 -6.91 9.10 16.10
N VAL A 129 -7.65 10.16 15.78
CA VAL A 129 -8.67 10.04 14.76
C VAL A 129 -8.41 10.97 13.58
N GLU A 130 -8.62 10.43 12.39
CA GLU A 130 -8.46 11.10 11.10
C GLU A 130 -9.88 11.47 10.68
N MET A 131 -10.15 12.77 10.48
CA MET A 131 -11.50 13.24 10.14
C MET A 131 -11.69 13.97 8.82
N SER A 132 -12.74 13.60 8.10
CA SER A 132 -13.08 14.26 6.85
C SER A 132 -14.59 14.42 6.74
N VAL A 133 -15.05 15.13 5.72
CA VAL A 133 -16.48 15.35 5.51
C VAL A 133 -16.89 14.82 4.14
N ILE A 134 -17.90 13.96 4.12
CA ILE A 134 -18.40 13.45 2.86
C ILE A 134 -19.82 13.97 2.64
N LYS A 135 -20.09 14.47 1.45
CA LYS A 135 -21.43 14.95 1.16
C LYS A 135 -22.11 13.73 0.52
N HIS A 136 -23.15 13.20 1.15
CA HIS A 136 -23.81 12.05 0.58
C HIS A 136 -24.89 12.44 -0.42
N ASP A 137 -26.06 12.83 0.07
CA ASP A 137 -27.10 13.23 -0.85
C ASP A 137 -27.12 14.75 -0.77
N GLU A 138 -28.00 15.29 0.05
CA GLU A 138 -28.05 16.72 0.25
C GLU A 138 -27.54 16.99 1.67
N ASP A 139 -26.91 15.98 2.27
CA ASP A 139 -26.38 16.12 3.62
C ASP A 139 -24.86 15.94 3.71
N PHE A 140 -24.29 16.40 4.82
CA PHE A 140 -22.86 16.30 5.07
C PHE A 140 -22.61 15.40 6.25
N TYR A 141 -21.65 14.51 6.12
CA TYR A 141 -21.34 13.58 7.19
C TYR A 141 -19.88 13.68 7.60
N LEU A 142 -19.66 13.63 8.91
CA LEU A 142 -18.32 13.69 9.45
C LEU A 142 -17.81 12.27 9.60
N VAL A 143 -16.74 11.93 8.90
CA VAL A 143 -16.14 10.61 8.97
C VAL A 143 -15.06 10.66 10.05
N ILE A 144 -15.19 9.83 11.07
CA ILE A 144 -14.21 9.76 12.14
C ILE A 144 -13.57 8.38 12.07
N HIS A 145 -12.31 8.34 11.71
CA HIS A 145 -11.59 7.09 11.55
C HIS A 145 -10.39 6.94 12.48
N ILE A 146 -10.43 5.89 13.30
CA ILE A 146 -9.37 5.60 14.26
C ILE A 146 -8.12 5.10 13.57
N ILE A 147 -7.00 5.73 13.85
CA ILE A 147 -5.72 5.35 13.25
C ILE A 147 -4.63 5.37 14.32
N HIS A 148 -3.47 4.83 13.98
CA HIS A 148 -2.35 4.80 14.93
C HIS A 148 -1.02 5.21 14.34
N GLN A 149 -0.25 5.93 15.16
CA GLN A 149 1.09 6.37 14.80
C GLN A 149 1.94 5.49 15.72
N ILE A 150 3.14 5.15 15.29
CA ILE A 150 4.03 4.36 16.12
C ILE A 150 5.33 5.12 16.30
N GLN A 151 5.48 5.76 17.46
CA GLN A 151 6.66 6.56 17.77
C GLN A 151 7.64 5.90 18.72
N SER A 152 8.92 6.05 18.38
CA SER A 152 9.98 5.49 19.21
C SER A 152 10.16 6.40 20.42
N MET A 153 10.34 5.79 21.59
CA MET A 153 10.56 6.54 22.81
C MET A 153 12.05 6.85 22.95
N LYS A 154 12.84 6.23 22.08
CA LYS A 154 14.28 6.45 22.05
C LYS A 154 14.60 7.25 20.79
N THR A 155 15.66 8.04 20.86
CA THR A 155 16.09 8.89 19.76
C THR A 155 16.82 8.06 18.72
N LEU A 156 16.73 8.46 17.46
CA LEU A 156 17.41 7.73 16.39
C LEU A 156 18.85 7.40 16.78
N TRP A 157 19.60 8.42 17.20
CA TRP A 157 20.99 8.26 17.62
C TRP A 157 21.09 7.16 18.69
N GLU A 158 20.29 7.26 19.74
CA GLU A 158 20.30 6.25 20.80
C GLU A 158 19.98 4.86 20.29
N LEU A 159 19.12 4.77 19.27
CA LEU A 159 18.73 3.49 18.68
C LEU A 159 19.90 2.77 18.03
N VAL A 160 20.62 3.48 17.18
CA VAL A 160 21.74 2.88 16.48
C VAL A 160 23.00 2.73 17.33
N ASN A 161 22.86 2.93 18.63
CA ASN A 161 23.98 2.80 19.57
C ASN A 161 25.12 3.78 19.29
N LYS A 162 24.74 5.00 18.94
CA LYS A 162 25.69 6.08 18.62
C LYS A 162 26.68 5.64 17.56
N ASP A 163 26.36 4.59 16.82
CA ASP A 163 27.25 4.11 15.78
C ASP A 163 26.80 4.63 14.43
N PRO A 164 27.64 5.45 13.77
CA PRO A 164 27.34 6.02 12.45
C PRO A 164 27.22 4.91 11.41
N LYS A 165 28.14 3.96 11.49
CA LYS A 165 28.19 2.83 10.57
C LYS A 165 27.04 1.85 10.86
N GLU A 166 26.05 2.33 11.60
CA GLU A 166 24.89 1.53 11.98
C GLU A 166 23.64 2.38 11.77
N LEU A 167 23.85 3.69 11.75
CA LEU A 167 22.78 4.64 11.53
C LEU A 167 22.38 4.58 10.07
N GLU A 168 23.36 4.60 9.17
CA GLU A 168 23.04 4.56 7.76
C GLU A 168 22.28 3.27 7.41
N GLU A 169 22.61 2.19 8.10
CA GLU A 169 21.92 0.93 7.86
C GLU A 169 20.45 1.13 8.16
N PHE A 170 20.19 1.77 9.30
CA PHE A 170 18.84 2.04 9.75
C PHE A 170 18.00 2.86 8.76
N LEU A 171 18.56 3.97 8.28
CA LEU A 171 17.85 4.81 7.31
C LEU A 171 17.58 4.01 6.05
N MET A 172 18.44 3.04 5.76
CA MET A 172 18.29 2.21 4.59
C MET A 172 17.25 1.09 4.70
N THR A 173 17.37 0.24 5.72
CA THR A 173 16.43 -0.86 5.89
C THR A 173 15.00 -0.38 6.18
N HIS A 174 14.87 0.87 6.63
CA HIS A 174 13.55 1.43 6.92
C HIS A 174 13.24 2.66 6.06
N LYS A 175 13.83 2.75 4.88
CA LYS A 175 13.62 3.91 4.02
C LYS A 175 12.18 4.20 3.57
N GLU A 176 11.44 3.14 3.24
CA GLU A 176 10.08 3.30 2.73
C GLU A 176 9.06 4.01 3.61
N ASN A 177 9.03 3.67 4.90
CA ASN A 177 8.05 4.27 5.79
C ASN A 177 8.62 5.12 6.91
N LEU A 178 9.95 5.16 7.01
CA LEU A 178 10.55 5.94 8.08
C LEU A 178 10.32 7.44 7.98
N MET A 179 10.00 8.03 9.13
CA MET A 179 9.80 9.47 9.25
C MET A 179 10.51 9.83 10.54
N LEU A 180 10.79 11.10 10.73
CA LEU A 180 11.51 11.50 11.92
C LEU A 180 10.80 12.66 12.59
N LYS A 181 10.60 12.55 13.90
CA LYS A 181 9.94 13.60 14.66
C LYS A 181 10.98 14.34 15.52
N ASP A 182 10.99 15.67 15.40
CA ASP A 182 11.94 16.48 16.14
C ASP A 182 11.42 16.73 17.54
N ILE A 183 11.60 15.76 18.42
CA ILE A 183 11.14 15.90 19.81
C ILE A 183 11.94 16.98 20.54
N ALA A 184 12.90 17.58 19.84
CA ALA A 184 13.72 18.61 20.45
C ALA A 184 13.11 19.97 20.15
N SER A 185 11.98 19.95 19.45
CA SER A 185 11.27 21.17 19.07
C SER A 185 9.87 21.23 19.64
N PRO A 186 9.43 22.43 20.05
CA PRO A 186 8.09 22.59 20.60
C PRO A 186 6.97 22.16 19.65
N LEU A 187 7.19 22.35 18.35
CA LEU A 187 6.18 21.97 17.35
C LEU A 187 6.20 20.51 16.94
N LYS A 188 7.04 19.69 17.59
CA LYS A 188 7.16 18.25 17.29
C LYS A 188 7.07 17.91 15.81
N THR A 189 7.55 18.81 14.97
CA THR A 189 7.50 18.63 13.53
C THR A 189 8.06 17.31 13.01
N VAL A 190 7.33 16.69 12.09
CA VAL A 190 7.73 15.42 11.48
C VAL A 190 8.44 15.68 10.15
N TYR A 191 9.45 14.87 9.85
CA TYR A 191 10.23 15.02 8.62
C TYR A 191 10.46 13.72 7.86
N LYS A 192 10.85 13.83 6.59
CA LYS A 192 11.14 12.67 5.75
C LYS A 192 12.62 12.64 5.36
N PRO A 193 13.37 11.63 5.83
CA PRO A 193 14.79 11.54 5.48
C PRO A 193 15.05 11.50 3.97
N CYS A 194 16.00 12.33 3.53
CA CYS A 194 16.39 12.44 2.12
C CYS A 194 17.41 11.37 1.73
N PHE A 195 17.29 10.86 0.50
CA PHE A 195 18.20 9.82 0.02
C PHE A 195 18.89 10.17 -1.29
N GLU A 196 20.08 9.61 -1.49
CA GLU A 196 20.81 9.82 -2.73
C GLU A 196 19.87 9.26 -3.79
N GLU A 197 19.04 10.13 -4.36
CA GLU A 197 18.05 9.73 -5.37
C GLU A 197 18.38 8.46 -6.17
N TYR A 198 17.38 7.62 -6.33
CA TYR A 198 17.51 6.36 -7.06
C TYR A 198 18.40 5.38 -6.31
N THR A 199 18.70 5.70 -5.05
CA THR A 199 19.56 4.87 -4.21
C THR A 199 18.94 4.76 -2.81
N LYS A 200 19.49 3.87 -1.99
CA LYS A 200 19.02 3.70 -0.63
C LYS A 200 20.07 4.30 0.29
N LYS A 201 20.99 5.05 -0.31
CA LYS A 201 22.02 5.71 0.47
C LYS A 201 21.41 7.02 0.96
N PRO A 202 21.36 7.22 2.28
CA PRO A 202 20.78 8.45 2.83
C PRO A 202 21.76 9.63 2.77
N LYS A 203 21.22 10.83 2.56
CA LYS A 203 22.04 12.04 2.48
C LYS A 203 22.58 12.43 3.86
N LEU A 204 23.88 12.24 4.04
CA LEU A 204 24.56 12.54 5.31
C LEU A 204 25.79 13.45 5.20
N ASP A 205 26.21 14.00 6.34
CA ASP A 205 27.37 14.88 6.44
C ASP A 205 27.94 14.75 7.84
N HIS A 206 29.19 14.33 7.95
CA HIS A 206 29.80 14.20 9.26
C HIS A 206 30.38 15.52 9.75
N ASN A 207 30.26 16.53 8.89
CA ASN A 207 30.74 17.89 9.15
C ASN A 207 30.33 18.43 10.52
N GLN A 208 31.22 18.34 11.49
CA GLN A 208 30.95 18.80 12.85
C GLN A 208 30.40 20.21 12.98
N GLU A 209 30.61 21.06 11.98
CA GLU A 209 30.11 22.43 12.07
C GLU A 209 28.60 22.50 11.86
N ILE A 210 28.08 21.61 11.01
CA ILE A 210 26.65 21.56 10.73
C ILE A 210 25.90 21.09 11.98
N VAL A 211 26.42 20.02 12.57
CA VAL A 211 25.84 19.43 13.76
C VAL A 211 25.83 20.42 14.90
N LYS A 212 26.82 21.30 14.96
CA LYS A 212 26.88 22.28 16.03
C LYS A 212 25.89 23.42 15.82
N TYR A 213 25.82 23.93 14.60
CA TYR A 213 24.90 25.03 14.32
C TYR A 213 23.47 24.67 14.74
N TRP A 214 22.92 23.65 14.08
CA TRP A 214 21.55 23.22 14.34
C TRP A 214 21.25 22.71 15.74
N TYR A 215 22.24 22.10 16.39
CA TYR A 215 22.02 21.65 17.76
C TYR A 215 21.89 22.92 18.59
N ASN A 216 22.77 23.86 18.32
CA ASN A 216 22.78 25.13 19.03
C ASN A 216 21.58 25.99 18.61
N TYR A 217 21.03 25.67 17.45
CA TYR A 217 19.89 26.39 16.93
C TYR A 217 18.64 26.14 17.78
N HIS A 218 18.44 24.88 18.19
CA HIS A 218 17.29 24.53 19.00
C HIS A 218 17.25 25.31 20.30
N ILE A 219 18.38 25.34 21.00
CA ILE A 219 18.47 26.05 22.27
C ILE A 219 18.27 27.57 22.16
N GLU A 220 19.19 28.26 21.49
CA GLU A 220 19.08 29.72 21.33
C GLU A 220 17.68 30.16 20.87
N ARG A 221 16.96 29.23 20.27
CA ARG A 221 15.64 29.49 19.70
C ARG A 221 14.39 29.12 20.52
N TYR A 222 14.38 27.92 21.10
CA TYR A 222 13.21 27.48 21.87
C TYR A 222 13.46 27.27 23.36
N TRP A 223 14.71 27.16 23.79
CA TRP A 223 15.01 26.93 25.19
C TRP A 223 16.03 27.90 25.75
N ASN A 224 15.83 29.19 25.46
CA ASN A 224 16.74 30.23 25.92
C ASN A 224 16.54 30.70 27.36
N THR A 225 16.37 29.76 28.29
CA THR A 225 16.23 30.13 29.69
C THR A 225 17.04 29.10 30.47
N PRO A 226 17.69 29.51 31.56
CA PRO A 226 18.50 28.59 32.37
C PRO A 226 17.87 27.22 32.65
N GLU A 227 16.56 27.19 32.88
CA GLU A 227 15.92 25.92 33.17
C GLU A 227 15.51 25.19 31.91
N ALA A 228 15.16 25.94 30.87
CA ALA A 228 14.78 25.32 29.62
C ALA A 228 16.02 24.63 29.08
N LYS A 229 17.17 25.25 29.31
CA LYS A 229 18.45 24.71 28.86
C LYS A 229 18.88 23.50 29.66
N LEU A 230 18.70 23.58 30.97
CA LEU A 230 19.10 22.48 31.85
C LEU A 230 18.33 21.22 31.47
N GLU A 231 17.02 21.36 31.29
CA GLU A 231 16.21 20.21 30.93
C GLU A 231 16.72 19.67 29.60
N PHE A 232 16.90 20.58 28.65
CA PHE A 232 17.40 20.22 27.33
C PHE A 232 18.62 19.31 27.45
N TYR A 233 19.62 19.75 28.20
CA TYR A 233 20.83 18.95 28.36
C TYR A 233 20.55 17.69 29.16
N ARG A 234 19.66 17.77 30.16
CA ARG A 234 19.33 16.58 30.94
C ARG A 234 18.69 15.61 29.96
N LYS A 235 17.81 16.16 29.12
CA LYS A 235 17.07 15.35 28.16
C LYS A 235 17.92 14.77 27.04
N PHE A 236 18.57 15.65 26.27
CA PHE A 236 19.39 15.21 25.15
C PHE A 236 20.89 15.11 25.38
N GLY A 237 21.42 15.91 26.32
CA GLY A 237 22.84 15.90 26.59
C GLY A 237 23.63 16.80 25.67
N GLN A 238 24.94 16.91 25.91
CA GLN A 238 25.80 17.75 25.07
C GLN A 238 25.81 17.19 23.67
N VAL A 239 26.12 18.04 22.70
CA VAL A 239 26.19 17.65 21.29
C VAL A 239 27.15 16.51 21.09
N ASP A 240 26.73 15.51 20.33
CA ASP A 240 27.61 14.39 20.03
C ASP A 240 28.12 14.71 18.62
N LEU A 241 29.34 15.24 18.55
CA LEU A 241 29.95 15.65 17.29
C LEU A 241 30.27 14.49 16.36
N LYS A 242 30.26 13.26 16.86
CA LYS A 242 30.56 12.11 16.02
C LYS A 242 29.38 11.72 15.12
N GLN A 243 28.20 12.25 15.42
CA GLN A 243 26.98 11.98 14.66
C GLN A 243 26.89 12.77 13.37
N PRO A 244 26.35 12.15 12.32
CA PRO A 244 26.20 12.82 11.03
C PRO A 244 24.88 13.58 10.98
N ALA A 245 24.81 14.65 10.19
CA ALA A 245 23.58 15.43 10.06
C ALA A 245 22.71 14.83 8.96
N ILE A 246 21.44 14.57 9.28
CA ILE A 246 20.53 14.00 8.30
C ILE A 246 19.77 15.05 7.49
N LEU A 247 19.96 14.99 6.18
CA LEU A 247 19.30 15.92 5.27
C LEU A 247 17.90 15.37 5.04
N ALA A 248 16.89 16.21 5.26
CA ALA A 248 15.51 15.76 5.09
C ALA A 248 14.59 16.91 4.76
N LYS A 249 13.35 16.58 4.41
CA LYS A 249 12.36 17.59 4.09
C LYS A 249 11.09 17.43 4.91
N PHE A 250 10.30 18.48 4.96
CA PHE A 250 9.04 18.48 5.70
C PHE A 250 8.18 17.32 5.29
N ALA A 251 7.43 16.79 6.25
CA ALA A 251 6.56 15.65 5.99
C ALA A 251 5.17 16.15 5.60
N SER A 252 4.83 17.37 5.99
CA SER A 252 3.52 17.95 5.69
C SER A 252 3.23 18.07 4.20
N LYS A 253 2.50 19.13 3.82
CA LYS A 253 2.13 19.37 2.43
C LYS A 253 1.19 18.27 1.97
N ASN A 259 12.30 21.16 -2.49
CA ASN A 259 11.53 22.37 -2.24
C ASN A 259 12.16 23.20 -1.13
N TYR A 260 12.62 22.53 -0.06
CA TYR A 260 13.24 23.21 1.05
C TYR A 260 14.51 22.50 1.54
N LYS A 261 14.33 21.42 2.29
CA LYS A 261 15.44 20.63 2.83
C LYS A 261 15.99 21.19 4.14
N ILE A 262 15.92 20.37 5.20
CA ILE A 262 16.39 20.75 6.52
C ILE A 262 17.42 19.75 7.01
N TYR A 263 18.09 20.11 8.10
CA TYR A 263 19.10 19.27 8.71
C TYR A 263 18.54 18.80 10.04
N LEU A 264 18.71 17.52 10.29
CA LEU A 264 18.24 16.93 11.53
C LEU A 264 19.42 16.25 12.15
N LEU A 265 19.41 16.16 13.49
CA LEU A 265 20.46 15.49 14.22
C LEU A 265 19.84 14.27 14.86
N PRO A 266 20.33 13.06 14.51
CA PRO A 266 19.77 11.85 15.10
C PRO A 266 19.72 11.91 16.61
N GLN A 267 20.39 12.90 17.19
CA GLN A 267 20.42 13.07 18.64
C GLN A 267 19.13 13.72 19.14
N LEU A 268 18.41 14.37 18.25
CA LEU A 268 17.19 15.08 18.65
C LEU A 268 15.91 14.64 17.95
N VAL A 269 15.97 13.53 17.22
CA VAL A 269 14.79 13.03 16.49
C VAL A 269 14.52 11.57 16.80
N VAL A 270 13.28 11.17 16.61
CA VAL A 270 12.87 9.79 16.88
C VAL A 270 12.13 9.23 15.69
N PRO A 271 12.43 7.97 15.31
CA PRO A 271 11.69 7.46 14.15
C PRO A 271 10.19 7.46 14.43
N THR A 272 9.40 7.65 13.39
CA THR A 272 7.95 7.67 13.53
C THR A 272 7.38 7.00 12.31
N TYR A 273 6.23 6.36 12.50
CA TYR A 273 5.58 5.66 11.40
C TYR A 273 4.07 5.76 11.51
N ASN A 274 3.40 5.54 10.38
CA ASN A 274 1.95 5.52 10.36
C ASN A 274 1.68 4.02 10.35
N ALA A 275 1.05 3.52 11.42
CA ALA A 275 0.79 2.08 11.53
C ALA A 275 0.04 1.52 10.34
N GLU A 276 -1.08 2.14 10.00
CA GLU A 276 -1.88 1.68 8.88
C GLU A 276 -1.00 1.54 7.62
N GLN A 277 -0.07 2.46 7.46
CA GLN A 277 0.83 2.50 6.32
C GLN A 277 1.83 1.34 6.25
N LEU A 278 1.98 0.61 7.35
CA LEU A 278 2.93 -0.52 7.40
C LEU A 278 2.32 -1.83 6.96
N ALA A 283 5.67 -5.05 13.76
CA ALA A 283 6.04 -6.08 14.73
C ALA A 283 4.92 -7.08 14.89
N LYS A 284 4.63 -7.47 16.12
CA LYS A 284 3.58 -8.45 16.37
C LYS A 284 2.64 -8.08 17.52
N GLU A 285 3.21 -7.71 18.65
CA GLU A 285 2.42 -7.33 19.82
C GLU A 285 1.77 -5.98 19.54
N ILE A 286 2.34 -5.25 18.59
CA ILE A 286 1.83 -3.94 18.23
C ILE A 286 0.59 -4.08 17.36
N LEU A 287 0.66 -5.01 16.42
CA LEU A 287 -0.43 -5.25 15.50
C LEU A 287 -1.70 -5.70 16.25
N GLU A 288 -1.54 -6.56 17.25
CA GLU A 288 -2.68 -7.02 18.02
C GLU A 288 -3.28 -5.83 18.77
N TYR A 289 -2.60 -4.69 18.71
CA TYR A 289 -3.09 -3.49 19.39
C TYR A 289 -3.60 -2.40 18.44
N THR A 290 -3.11 -2.40 17.21
CA THR A 290 -3.56 -1.42 16.23
C THR A 290 -4.70 -2.00 15.42
N LYS A 291 -4.84 -3.32 15.46
CA LYS A 291 -5.94 -3.99 14.74
C LYS A 291 -7.14 -3.98 15.67
N LEU A 292 -8.27 -3.49 15.19
CA LEU A 292 -9.48 -3.43 16.00
C LEU A 292 -10.64 -4.17 15.35
N MET A 293 -11.42 -4.87 16.17
CA MET A 293 -12.58 -5.60 15.64
C MET A 293 -13.63 -4.53 15.31
N PRO A 294 -14.62 -4.87 14.48
CA PRO A 294 -15.66 -3.88 14.13
C PRO A 294 -16.43 -3.29 15.32
N GLU A 295 -16.65 -4.07 16.36
CA GLU A 295 -17.39 -3.57 17.51
C GLU A 295 -16.54 -2.69 18.42
N GLU A 296 -15.23 -2.91 18.42
CA GLU A 296 -14.34 -2.09 19.22
C GLU A 296 -14.27 -0.68 18.61
N ARG A 297 -14.31 -0.61 17.29
CA ARG A 297 -14.28 0.68 16.61
C ARG A 297 -15.59 1.39 16.85
N LYS A 298 -16.68 0.65 16.74
CA LYS A 298 -18.00 1.19 16.95
C LYS A 298 -18.09 1.75 18.36
N GLU A 299 -17.66 0.97 19.34
CA GLU A 299 -17.71 1.39 20.72
C GLU A 299 -16.88 2.65 20.98
N LEU A 300 -15.63 2.66 20.52
CA LEU A 300 -14.75 3.80 20.73
C LEU A 300 -15.29 5.10 20.12
N LEU A 301 -15.96 5.03 18.98
CA LEU A 301 -16.49 6.26 18.40
C LEU A 301 -17.69 6.71 19.22
N GLU A 302 -18.45 5.75 19.74
CA GLU A 302 -19.60 6.11 20.55
C GLU A 302 -19.12 6.75 21.85
N ASN A 303 -17.98 6.31 22.35
CA ASN A 303 -17.41 6.89 23.56
C ASN A 303 -17.02 8.33 23.29
N ILE A 304 -16.48 8.57 22.10
CA ILE A 304 -16.04 9.90 21.70
C ILE A 304 -17.25 10.80 21.51
N LEU A 305 -18.23 10.30 20.77
CA LEU A 305 -19.43 11.06 20.49
C LEU A 305 -20.15 11.49 21.77
N ALA A 306 -20.29 10.56 22.70
CA ALA A 306 -20.97 10.86 23.95
C ALA A 306 -20.21 11.88 24.81
N GLU A 307 -18.91 12.02 24.54
CA GLU A 307 -18.07 12.94 25.29
C GLU A 307 -18.06 14.30 24.60
N VAL A 308 -18.60 14.33 23.39
CA VAL A 308 -18.66 15.56 22.60
C VAL A 308 -19.87 16.38 23.03
N ASP A 309 -19.63 17.46 23.75
CA ASP A 309 -20.72 18.32 24.22
C ASP A 309 -21.16 19.34 23.19
N SER A 310 -21.51 18.87 21.99
CA SER A 310 -21.98 19.73 20.90
C SER A 310 -23.09 19.05 20.11
N ASP A 311 -24.12 19.83 19.80
CA ASP A 311 -25.26 19.31 19.05
C ASP A 311 -25.14 19.70 17.59
N ILE A 312 -23.95 20.19 17.22
CA ILE A 312 -23.72 20.58 15.84
C ILE A 312 -23.59 19.30 15.00
N ILE A 313 -23.43 18.16 15.67
CA ILE A 313 -23.33 16.85 15.00
C ILE A 313 -24.23 15.85 15.74
N ASP A 314 -24.63 14.78 15.06
CA ASP A 314 -25.47 13.77 15.69
C ASP A 314 -24.72 13.09 16.80
N LYS A 315 -25.47 12.43 17.68
CA LYS A 315 -24.94 11.74 18.84
C LYS A 315 -24.64 10.25 18.57
N SER A 316 -25.04 9.76 17.42
CA SER A 316 -24.80 8.37 17.07
C SER A 316 -24.38 8.15 15.60
N LEU A 317 -23.74 7.01 15.36
CA LEU A 317 -23.25 6.64 14.04
C LEU A 317 -24.35 6.38 13.02
N SER A 318 -24.16 6.85 11.79
CA SER A 318 -25.15 6.63 10.75
C SER A 318 -25.10 5.18 10.28
N GLU A 319 -26.24 4.70 9.81
CA GLU A 319 -26.32 3.34 9.30
C GLU A 319 -26.58 3.50 7.82
N ILE A 320 -26.16 2.53 7.03
CA ILE A 320 -26.39 2.62 5.59
C ILE A 320 -26.86 1.27 5.05
N GLU A 321 -27.52 1.30 3.91
CA GLU A 321 -28.00 0.06 3.32
C GLU A 321 -26.99 -0.45 2.32
N VAL A 322 -26.43 -1.61 2.61
CA VAL A 322 -25.44 -2.24 1.74
C VAL A 322 -26.06 -3.37 0.93
N GLU A 323 -25.35 -3.80 -0.10
CA GLU A 323 -25.76 -4.90 -0.98
C GLU A 323 -24.81 -6.05 -0.67
N LYS A 324 -25.28 -7.11 -0.05
CA LYS A 324 -24.41 -8.24 0.24
C LYS A 324 -24.00 -8.83 -1.10
N ILE A 325 -22.88 -9.55 -1.13
CA ILE A 325 -22.39 -10.15 -2.36
C ILE A 325 -22.64 -11.66 -2.38
N ALA A 326 -23.36 -12.09 -3.41
CA ALA A 326 -23.71 -13.49 -3.60
C ALA A 326 -22.54 -14.47 -3.39
N GLN A 327 -22.78 -15.51 -2.61
CA GLN A 327 -21.75 -16.50 -2.37
C GLN A 327 -21.45 -17.26 -3.66
N GLU A 328 -22.27 -17.05 -4.68
CA GLU A 328 -22.10 -17.72 -5.97
C GLU A 328 -20.86 -17.20 -6.73
N LEU A 329 -20.62 -15.89 -6.64
CA LEU A 329 -19.48 -15.27 -7.29
C LEU A 329 -18.20 -15.70 -6.58
N GLU A 330 -18.38 -16.51 -5.53
CA GLU A 330 -17.27 -17.04 -4.75
C GLU A 330 -16.65 -18.22 -5.48
N ASN A 331 -17.43 -18.88 -6.32
CA ASN A 331 -16.93 -20.06 -7.00
C ASN A 331 -16.75 -19.98 -8.52
N LYS A 332 -16.39 -18.82 -9.02
CA LYS A 332 -16.19 -18.72 -10.46
C LYS A 332 -14.75 -19.06 -10.87
N ILE A 333 -13.86 -19.15 -9.87
CA ILE A 333 -12.46 -19.48 -10.10
C ILE A 333 -12.24 -20.94 -9.69
N ARG A 334 -11.95 -21.79 -10.66
CA ARG A 334 -11.75 -23.21 -10.38
C ARG A 334 -10.40 -23.80 -10.81
N VAL A 335 -10.01 -24.88 -10.15
CA VAL A 335 -8.78 -25.61 -10.46
C VAL A 335 -9.24 -27.02 -10.81
N ARG A 336 -8.33 -27.89 -11.22
CA ARG A 336 -8.68 -29.25 -11.59
C ARG A 336 -7.49 -30.19 -11.45
N ASP A 337 -7.76 -31.49 -11.46
CA ASP A 337 -6.73 -32.52 -11.36
C ASP A 337 -6.60 -33.24 -12.70
N ASP A 338 -5.80 -34.29 -12.76
CA ASP A 338 -5.61 -35.02 -14.01
C ASP A 338 -6.85 -35.79 -14.45
N LYS A 339 -7.74 -36.09 -13.50
CA LYS A 339 -8.98 -36.78 -13.83
C LYS A 339 -9.96 -35.73 -14.35
N GLY A 340 -11.18 -35.76 -13.84
CA GLY A 340 -12.18 -34.81 -14.26
C GLY A 340 -12.82 -34.11 -13.08
N ASN A 341 -12.02 -33.81 -12.07
CA ASN A 341 -12.52 -33.14 -10.87
C ASN A 341 -12.29 -31.64 -10.98
N SER A 342 -13.38 -30.88 -11.10
CA SER A 342 -13.30 -29.43 -11.24
C SER A 342 -13.94 -28.69 -10.07
N VAL A 343 -13.20 -28.61 -8.97
CA VAL A 343 -13.67 -27.93 -7.77
C VAL A 343 -13.22 -26.46 -7.75
N PRO A 344 -14.08 -25.55 -7.26
CA PRO A 344 -13.69 -24.14 -7.21
C PRO A 344 -12.74 -23.90 -6.04
N ILE A 345 -12.04 -22.76 -6.07
CA ILE A 345 -11.09 -22.43 -5.01
C ILE A 345 -11.82 -22.22 -3.68
N SER A 346 -11.96 -23.31 -2.94
CA SER A 346 -12.62 -23.30 -1.63
C SER A 346 -12.47 -24.70 -1.06
N GLN A 347 -11.36 -24.92 -0.35
CA GLN A 347 -11.05 -26.21 0.25
C GLN A 347 -10.59 -26.03 1.69
N LEU A 356 -12.38 -42.46 4.57
CA LEU A 356 -12.04 -41.59 3.45
C LEU A 356 -11.20 -42.32 2.40
N LEU A 357 -10.70 -41.57 1.42
CA LEU A 357 -9.91 -42.11 0.31
C LEU A 357 -8.58 -42.78 0.69
N TRP A 358 -8.51 -44.07 0.41
CA TRP A 358 -7.33 -44.90 0.70
C TRP A 358 -5.99 -44.21 0.52
N THR A 359 -5.87 -43.37 -0.51
CA THR A 359 -4.62 -42.66 -0.83
C THR A 359 -4.23 -41.50 0.08
N ASN A 360 -5.17 -41.01 0.90
CA ASN A 360 -4.89 -39.87 1.78
C ASN A 360 -3.76 -40.11 2.77
N TYR A 361 -3.18 -41.30 2.77
CA TYR A 361 -2.12 -41.61 3.71
C TYR A 361 -0.77 -41.04 3.27
N SER A 362 -0.60 -40.78 1.98
CA SER A 362 0.69 -40.28 1.47
C SER A 362 0.93 -38.78 1.59
N ARG A 363 2.21 -38.42 1.63
CA ARG A 363 2.62 -37.02 1.73
C ARG A 363 2.63 -36.35 0.37
N LYS A 364 2.24 -37.07 -0.67
CA LYS A 364 2.19 -36.52 -2.03
C LYS A 364 1.32 -35.25 -1.99
N TYR A 365 1.71 -34.24 -2.75
CA TYR A 365 0.93 -33.01 -2.79
C TYR A 365 -0.30 -33.20 -3.67
N PRO A 366 -1.18 -32.19 -3.74
CA PRO A 366 -2.35 -32.39 -4.61
C PRO A 366 -1.90 -32.24 -6.06
N VAL A 367 -2.73 -32.69 -6.99
CA VAL A 367 -2.41 -32.63 -8.40
C VAL A 367 -3.25 -31.56 -9.10
N ILE A 368 -2.59 -30.57 -9.67
CA ILE A 368 -3.30 -29.50 -10.35
C ILE A 368 -2.92 -29.51 -11.82
N LEU A 369 -3.85 -29.89 -12.69
CA LEU A 369 -3.58 -29.92 -14.12
C LEU A 369 -3.97 -28.56 -14.68
N PRO A 370 -2.97 -27.73 -15.03
CA PRO A 370 -3.14 -26.39 -15.59
C PRO A 370 -3.93 -26.35 -16.88
N TYR A 371 -4.49 -25.17 -17.17
CA TYR A 371 -5.26 -24.94 -18.39
C TYR A 371 -4.31 -24.38 -19.44
N GLU A 372 -3.20 -23.83 -18.96
CA GLU A 372 -2.17 -23.25 -19.82
C GLU A 372 -0.81 -23.21 -19.15
N VAL A 373 0.20 -23.65 -19.88
CA VAL A 373 1.56 -23.64 -19.38
C VAL A 373 2.39 -22.83 -20.38
N PRO A 374 3.10 -21.79 -19.92
CA PRO A 374 3.92 -20.95 -20.80
C PRO A 374 4.68 -21.79 -21.80
N GLU A 375 4.79 -21.32 -23.03
CA GLU A 375 5.51 -22.09 -24.04
C GLU A 375 7.00 -22.17 -23.76
N LYS A 376 7.46 -21.34 -22.83
CA LYS A 376 8.87 -21.33 -22.48
C LYS A 376 9.36 -22.65 -21.89
N PHE A 377 8.44 -23.41 -21.30
CA PHE A 377 8.78 -24.68 -20.66
C PHE A 377 8.97 -25.85 -21.64
N ARG A 378 8.53 -25.66 -22.88
CA ARG A 378 8.64 -26.71 -23.90
C ARG A 378 10.09 -27.04 -24.28
N LYS A 379 10.97 -26.03 -24.29
CA LYS A 379 12.35 -26.27 -24.65
C LYS A 379 13.23 -26.60 -23.45
N ILE A 380 13.16 -25.78 -22.40
CA ILE A 380 13.97 -25.96 -21.17
C ILE A 380 14.33 -27.40 -20.84
N ARG A 381 15.61 -27.65 -20.53
CA ARG A 381 16.09 -28.98 -20.17
C ARG A 381 15.74 -29.34 -18.73
N GLU A 382 16.75 -29.31 -17.86
CA GLU A 382 16.56 -29.62 -16.45
C GLU A 382 16.31 -28.31 -15.71
N ILE A 383 15.71 -28.40 -14.53
CA ILE A 383 15.44 -27.23 -13.72
C ILE A 383 15.98 -27.50 -12.34
N PRO A 384 17.10 -26.87 -12.00
CA PRO A 384 17.69 -27.08 -10.68
C PRO A 384 16.72 -26.72 -9.56
N MET A 385 16.71 -27.54 -8.51
CA MET A 385 15.85 -27.35 -7.36
C MET A 385 16.69 -27.13 -6.10
N PHE A 386 16.41 -26.08 -5.36
CA PHE A 386 17.18 -25.78 -4.15
C PHE A 386 16.33 -25.74 -2.90
N ILE A 387 16.75 -26.50 -1.89
CA ILE A 387 16.11 -26.53 -0.58
C ILE A 387 17.05 -25.66 0.25
N ILE A 388 16.64 -24.44 0.54
CA ILE A 388 17.48 -23.56 1.33
C ILE A 388 16.95 -23.50 2.75
N LEU A 389 17.67 -24.15 3.65
CA LEU A 389 17.26 -24.23 5.04
C LEU A 389 17.98 -23.28 5.97
N ASP A 390 17.21 -22.50 6.72
CA ASP A 390 17.77 -21.55 7.66
C ASP A 390 18.43 -22.34 8.80
N SER A 391 19.75 -22.23 8.91
CA SER A 391 20.48 -22.98 9.93
C SER A 391 19.99 -22.75 11.36
N GLY A 392 19.20 -21.69 11.56
CA GLY A 392 18.68 -21.38 12.88
C GLY A 392 17.34 -22.02 13.22
N LEU A 393 16.94 -23.01 12.44
CA LEU A 393 15.69 -23.73 12.68
C LEU A 393 16.04 -25.11 13.22
N LEU A 394 15.36 -25.54 14.28
CA LEU A 394 15.62 -26.85 14.86
C LEU A 394 15.69 -27.90 13.76
N ALA A 395 16.47 -28.95 13.99
CA ALA A 395 16.62 -30.03 13.02
C ALA A 395 15.28 -30.53 12.48
N ASP A 396 14.39 -30.94 13.39
CA ASP A 396 13.09 -31.45 12.94
C ASP A 396 12.40 -30.48 11.99
N ILE A 397 12.29 -29.20 12.37
CA ILE A 397 11.65 -28.21 11.52
C ILE A 397 12.32 -28.23 10.16
N GLN A 398 13.64 -28.39 10.17
CA GLN A 398 14.41 -28.48 8.93
C GLN A 398 13.95 -29.68 8.11
N ASN A 399 13.97 -30.88 8.69
CA ASN A 399 13.54 -32.09 7.99
C ASN A 399 12.09 -31.98 7.53
N PHE A 400 11.25 -31.41 8.38
CA PHE A 400 9.87 -31.23 8.00
C PHE A 400 9.85 -30.43 6.71
N ALA A 401 10.48 -29.26 6.74
CA ALA A 401 10.52 -28.40 5.57
C ALA A 401 11.09 -29.07 4.32
N THR A 402 12.25 -29.70 4.45
CA THR A 402 12.83 -30.32 3.27
C THR A 402 11.94 -31.43 2.72
N ASN A 403 11.29 -32.18 3.61
CA ASN A 403 10.39 -33.25 3.14
C ASN A 403 9.16 -32.64 2.48
N GLU A 404 8.72 -31.49 2.96
CA GLU A 404 7.54 -30.83 2.38
C GLU A 404 7.87 -30.27 1.01
N PHE A 405 9.04 -29.65 0.88
CA PHE A 405 9.41 -29.07 -0.39
C PHE A 405 9.56 -30.18 -1.43
N ARG A 406 10.17 -31.29 -1.03
CA ARG A 406 10.37 -32.42 -1.95
C ARG A 406 9.07 -32.86 -2.54
N GLU A 407 8.01 -32.83 -1.74
CA GLU A 407 6.71 -33.23 -2.21
C GLU A 407 6.07 -32.14 -3.06
N LEU A 408 6.33 -30.88 -2.70
CA LEU A 408 5.79 -29.74 -3.44
C LEU A 408 6.33 -29.75 -4.86
N VAL A 409 7.61 -30.04 -5.03
CA VAL A 409 8.21 -30.05 -6.36
C VAL A 409 7.66 -31.15 -7.26
N LYS A 410 7.40 -32.32 -6.70
CA LYS A 410 6.88 -33.43 -7.50
C LYS A 410 5.59 -33.06 -8.22
N SER A 411 4.68 -32.37 -7.52
CA SER A 411 3.40 -31.97 -8.10
C SER A 411 3.68 -30.90 -9.15
N MET A 412 4.59 -30.01 -8.81
CA MET A 412 5.01 -28.95 -9.71
C MET A 412 5.18 -29.55 -11.11
N TYR A 413 5.83 -30.71 -11.16
CA TYR A 413 6.02 -31.44 -12.39
C TYR A 413 4.74 -32.25 -12.62
N TYR A 414 3.71 -31.56 -13.08
CA TYR A 414 2.40 -32.11 -13.41
C TYR A 414 2.44 -33.63 -13.55
N GLU A 444 18.77 -31.69 -7.39
CA GLU A 444 18.34 -31.16 -6.10
C GLU A 444 19.51 -30.87 -5.16
N LYS A 445 19.58 -29.64 -4.64
CA LYS A 445 20.67 -29.27 -3.75
C LYS A 445 20.15 -28.67 -2.47
N VAL A 446 20.67 -29.15 -1.34
CA VAL A 446 20.26 -28.66 -0.04
C VAL A 446 21.35 -27.77 0.54
N ILE A 447 21.02 -26.50 0.73
CA ILE A 447 21.95 -25.54 1.28
C ILE A 447 21.45 -25.09 2.64
N THR A 448 22.32 -25.10 3.62
CA THR A 448 21.95 -24.68 4.97
C THR A 448 22.84 -23.53 5.37
N GLU A 449 22.23 -22.45 5.83
CA GLU A 449 22.96 -21.26 6.23
C GLU A 449 22.11 -20.40 7.16
N ASP A 450 22.78 -19.51 7.88
CA ASP A 450 22.12 -18.59 8.78
C ASP A 450 21.49 -17.47 7.96
N LEU A 451 20.28 -17.68 7.45
CA LEU A 451 19.61 -16.66 6.64
C LEU A 451 19.42 -15.36 7.39
N ASN A 452 19.80 -15.33 8.65
CA ASN A 452 19.64 -14.10 9.39
C ASN A 452 20.96 -13.41 9.66
N SER A 453 21.86 -13.46 8.69
CA SER A 453 23.15 -12.82 8.80
C SER A 453 23.66 -12.56 7.39
N ASP A 454 24.29 -11.41 7.20
CA ASP A 454 24.80 -11.05 5.89
C ASP A 454 25.88 -12.01 5.36
N LYS A 455 26.38 -12.89 6.20
CA LYS A 455 27.40 -13.84 5.76
C LYS A 455 26.75 -15.05 5.12
N GLY A 456 25.64 -15.49 5.73
CA GLY A 456 24.91 -16.65 5.22
C GLY A 456 24.21 -16.44 3.88
N ILE A 457 23.44 -15.36 3.80
CA ILE A 457 22.72 -15.02 2.57
C ILE A 457 23.70 -15.00 1.42
N ILE A 458 24.91 -14.50 1.68
CA ILE A 458 25.96 -14.45 0.67
C ILE A 458 26.48 -15.85 0.39
N GLU A 459 26.64 -16.67 1.41
CA GLU A 459 27.11 -18.03 1.16
C GLU A 459 26.07 -18.77 0.34
N VAL A 460 24.79 -18.53 0.66
CA VAL A 460 23.68 -19.17 -0.03
C VAL A 460 23.69 -18.80 -1.51
N VAL A 461 23.64 -17.50 -1.77
CA VAL A 461 23.64 -17.01 -3.14
C VAL A 461 24.83 -17.57 -3.86
N GLU A 462 25.99 -17.49 -3.21
CA GLU A 462 27.23 -17.97 -3.78
C GLU A 462 27.10 -19.43 -4.16
N GLN A 463 26.50 -20.23 -3.28
CA GLN A 463 26.36 -21.63 -3.60
C GLN A 463 25.37 -21.86 -4.74
N VAL A 464 24.29 -21.08 -4.77
CA VAL A 464 23.28 -21.21 -5.82
C VAL A 464 23.85 -20.87 -7.22
N SER A 465 24.45 -19.68 -7.35
CA SER A 465 25.02 -19.25 -8.63
C SER A 465 25.99 -20.29 -9.16
N SER A 466 26.60 -21.02 -8.23
CA SER A 466 27.54 -22.07 -8.60
C SER A 466 26.83 -23.13 -9.44
N PHE A 467 25.66 -23.57 -9.00
CA PHE A 467 24.90 -24.60 -9.73
C PHE A 467 24.00 -24.05 -10.83
N MET A 468 23.90 -22.73 -10.95
CA MET A 468 23.02 -22.15 -11.95
C MET A 468 23.63 -21.68 -13.27
N LYS A 469 24.96 -21.59 -13.35
CA LYS A 469 25.59 -21.16 -14.59
C LYS A 469 25.25 -22.14 -15.71
N GLY A 470 24.81 -21.61 -16.85
CA GLY A 470 24.46 -22.47 -17.96
C GLY A 470 22.98 -22.82 -17.96
N LYS A 471 22.32 -22.58 -16.83
CA LYS A 471 20.91 -22.86 -16.67
C LYS A 471 20.00 -21.66 -16.87
N GLU A 472 18.83 -21.91 -17.45
CA GLU A 472 17.84 -20.87 -17.73
C GLU A 472 16.87 -20.57 -16.59
N LEU A 473 16.53 -21.58 -15.80
CA LEU A 473 15.57 -21.42 -14.71
C LEU A 473 15.89 -22.34 -13.55
N GLY A 474 15.65 -21.83 -12.35
CA GLY A 474 15.88 -22.63 -11.17
C GLY A 474 14.83 -22.29 -10.12
N LEU A 475 14.53 -23.26 -9.28
CA LEU A 475 13.55 -23.05 -8.22
C LEU A 475 14.19 -23.21 -6.88
N ALA A 476 13.89 -22.28 -5.98
CA ALA A 476 14.44 -22.32 -4.62
C ALA A 476 13.32 -22.32 -3.59
N PHE A 477 13.36 -23.32 -2.72
CA PHE A 477 12.39 -23.46 -1.64
C PHE A 477 13.13 -23.16 -0.37
N ILE A 478 12.80 -22.02 0.22
CA ILE A 478 13.41 -21.50 1.42
C ILE A 478 12.53 -21.62 2.67
N ALA A 479 13.13 -22.13 3.74
CA ALA A 479 12.46 -22.27 5.04
C ALA A 479 13.30 -21.42 5.98
N ALA A 480 12.69 -20.39 6.56
CA ALA A 480 13.40 -19.49 7.46
C ALA A 480 12.62 -19.17 8.72
N ARG A 481 13.34 -18.77 9.76
CA ARG A 481 12.72 -18.39 11.02
C ARG A 481 11.82 -17.20 10.71
N ASN A 482 11.10 -16.69 11.70
CA ASN A 482 10.23 -15.54 11.46
C ASN A 482 11.00 -14.27 11.82
N LYS A 483 12.13 -14.46 12.48
CA LYS A 483 13.00 -13.35 12.90
C LYS A 483 13.44 -12.49 11.72
N LEU A 484 13.72 -13.12 10.59
CA LEU A 484 14.18 -12.39 9.42
C LEU A 484 13.39 -11.16 9.11
N SER A 485 14.10 -10.07 8.86
CA SER A 485 13.45 -8.83 8.50
C SER A 485 12.91 -8.98 7.08
N SER A 486 12.03 -8.08 6.68
CA SER A 486 11.45 -8.11 5.35
C SER A 486 12.55 -7.89 4.32
N GLU A 487 13.44 -6.95 4.64
CA GLU A 487 14.56 -6.65 3.77
C GLU A 487 15.38 -7.91 3.50
N LYS A 488 15.67 -8.68 4.55
CA LYS A 488 16.45 -9.87 4.36
C LYS A 488 15.73 -10.88 3.50
N PHE A 489 14.42 -10.98 3.63
CA PHE A 489 13.69 -11.91 2.79
C PHE A 489 13.75 -11.38 1.36
N GLU A 490 13.46 -10.09 1.21
CA GLU A 490 13.47 -9.44 -0.11
C GLU A 490 14.85 -9.60 -0.75
N GLU A 491 15.90 -9.40 0.04
CA GLU A 491 17.24 -9.51 -0.50
C GLU A 491 17.60 -10.92 -0.93
N ILE A 492 17.15 -11.94 -0.20
CA ILE A 492 17.45 -13.31 -0.58
C ILE A 492 16.76 -13.64 -1.89
N LYS A 493 15.51 -13.20 -2.00
CA LYS A 493 14.71 -13.45 -3.19
C LYS A 493 15.19 -12.73 -4.44
N ARG A 494 15.67 -11.49 -4.25
CA ARG A 494 16.16 -10.66 -5.34
C ARG A 494 17.52 -11.16 -5.78
N ARG A 495 18.40 -11.39 -4.81
CA ARG A 495 19.73 -11.90 -5.08
C ARG A 495 19.63 -13.21 -5.86
N LEU A 496 18.75 -14.10 -5.40
CA LEU A 496 18.57 -15.39 -6.05
C LEU A 496 17.95 -15.29 -7.43
N PHE A 497 17.13 -14.27 -7.66
CA PHE A 497 16.53 -14.14 -8.97
C PHE A 497 17.55 -13.59 -9.96
N ASN A 498 18.57 -12.91 -9.46
CA ASN A 498 19.60 -12.41 -10.34
C ASN A 498 20.19 -13.61 -11.05
N LEU A 499 20.03 -14.79 -10.45
CA LEU A 499 20.57 -16.04 -10.99
C LEU A 499 19.52 -16.91 -11.70
N ASN A 500 18.41 -16.30 -12.10
CA ASN A 500 17.32 -17.03 -12.77
C ASN A 500 16.68 -18.09 -11.87
N VAL A 501 16.65 -17.79 -10.58
CA VAL A 501 16.06 -18.71 -9.63
C VAL A 501 14.80 -18.14 -9.00
N ILE A 502 13.64 -18.71 -9.36
CA ILE A 502 12.39 -18.25 -8.77
C ILE A 502 12.32 -18.94 -7.40
N SER A 503 11.86 -18.23 -6.38
CA SER A 503 11.81 -18.81 -5.05
C SER A 503 10.50 -18.66 -4.28
N GLN A 504 10.26 -19.62 -3.40
CA GLN A 504 9.08 -19.67 -2.56
C GLN A 504 9.50 -19.78 -1.09
N VAL A 505 9.23 -18.76 -0.30
CA VAL A 505 9.59 -18.77 1.10
C VAL A 505 8.47 -19.33 1.98
N VAL A 506 8.83 -20.13 2.96
CA VAL A 506 7.85 -20.67 3.92
C VAL A 506 8.47 -20.46 5.31
N ASN A 507 7.83 -19.67 6.17
CA ASN A 507 8.43 -19.44 7.49
C ASN A 507 8.06 -20.47 8.55
N GLU A 508 8.75 -20.40 9.69
CA GLU A 508 8.54 -21.32 10.81
C GLU A 508 7.12 -21.36 11.35
N ASP A 509 6.44 -20.22 11.33
CA ASP A 509 5.08 -20.12 11.80
C ASP A 509 4.23 -21.16 11.08
N THR A 510 4.12 -21.02 9.75
CA THR A 510 3.35 -21.95 8.96
C THR A 510 3.80 -23.39 9.22
N LEU A 511 5.11 -23.60 9.27
CA LEU A 511 5.64 -24.93 9.51
C LEU A 511 5.19 -25.54 10.81
N LYS A 512 5.02 -24.73 11.87
CA LYS A 512 4.62 -25.28 13.15
C LYS A 512 3.12 -25.35 13.43
N ASN A 513 2.41 -24.29 13.06
CA ASN A 513 0.97 -24.19 13.32
C ASN A 513 0.00 -24.57 12.19
N LYS A 514 0.52 -24.88 11.01
CA LYS A 514 -0.37 -25.22 9.91
C LYS A 514 -0.23 -26.67 9.45
N ARG A 515 -0.14 -27.58 10.41
CA ARG A 515 -0.01 -28.99 10.11
C ARG A 515 -1.39 -29.63 9.95
N ASP A 516 -1.41 -30.82 9.34
CA ASP A 516 -2.63 -31.57 9.09
C ASP A 516 -3.02 -32.39 10.33
N LYS A 517 -4.31 -32.33 10.71
CA LYS A 517 -4.79 -33.06 11.88
C LYS A 517 -4.60 -34.58 11.81
N TYR A 518 -4.54 -35.14 10.61
CA TYR A 518 -4.36 -36.58 10.48
C TYR A 518 -2.91 -37.01 10.21
N ASP A 519 -2.04 -36.03 9.99
CA ASP A 519 -0.62 -36.31 9.75
C ASP A 519 0.24 -35.12 10.17
N ARG A 520 0.69 -35.13 11.41
CA ARG A 520 1.50 -34.04 11.94
C ARG A 520 2.85 -33.88 11.26
N ASN A 521 3.09 -34.67 10.23
CA ASN A 521 4.35 -34.59 9.50
C ASN A 521 4.03 -34.14 8.09
N ARG A 522 2.94 -33.41 7.98
CA ARG A 522 2.47 -32.91 6.71
C ARG A 522 1.80 -31.55 6.89
N LEU A 523 2.10 -30.64 5.97
CA LEU A 523 1.53 -29.32 6.06
C LEU A 523 0.03 -29.40 5.75
N ASP A 524 -0.70 -28.46 6.32
CA ASP A 524 -2.14 -28.32 6.16
C ASP A 524 -2.55 -28.41 4.69
N LEU A 525 -3.59 -29.16 4.37
CA LEU A 525 -4.00 -29.29 2.98
C LEU A 525 -4.47 -27.98 2.37
N PHE A 526 -4.91 -27.04 3.21
CA PHE A 526 -5.33 -25.75 2.67
C PHE A 526 -4.05 -25.04 2.25
N VAL A 527 -3.07 -25.04 3.16
CA VAL A 527 -1.78 -24.41 2.94
C VAL A 527 -1.08 -25.01 1.72
N ARG A 528 -1.09 -26.33 1.61
CA ARG A 528 -0.44 -27.01 0.49
C ARG A 528 -0.93 -26.55 -0.86
N HIS A 529 -2.23 -26.33 -0.96
CA HIS A 529 -2.78 -25.88 -2.22
C HIS A 529 -2.31 -24.45 -2.52
N ASN A 530 -2.25 -23.62 -1.50
CA ASN A 530 -1.85 -22.23 -1.70
C ASN A 530 -0.39 -22.06 -2.09
N LEU A 531 0.47 -22.95 -1.59
CA LEU A 531 1.88 -22.88 -1.93
C LEU A 531 2.03 -23.24 -3.40
N LEU A 532 1.28 -24.26 -3.80
CA LEU A 532 1.28 -24.73 -5.17
C LEU A 532 0.86 -23.61 -6.10
N PHE A 533 -0.18 -22.87 -5.70
CA PHE A 533 -0.69 -21.75 -6.50
C PHE A 533 0.34 -20.62 -6.63
N GLN A 534 1.04 -20.32 -5.54
CA GLN A 534 2.02 -19.25 -5.55
C GLN A 534 3.17 -19.56 -6.46
N VAL A 535 3.74 -20.75 -6.32
CA VAL A 535 4.86 -21.11 -7.17
C VAL A 535 4.42 -21.12 -8.61
N LEU A 536 3.31 -21.81 -8.89
CA LEU A 536 2.80 -21.88 -10.25
C LEU A 536 2.58 -20.48 -10.84
N SER A 537 2.08 -19.55 -10.04
CA SER A 537 1.84 -18.20 -10.54
C SER A 537 3.13 -17.43 -10.81
N LYS A 538 4.18 -17.75 -10.08
CA LYS A 538 5.47 -17.11 -10.29
C LYS A 538 6.09 -17.63 -11.59
N LEU A 539 5.49 -18.67 -12.16
CA LEU A 539 5.97 -19.26 -13.41
C LEU A 539 5.02 -19.04 -14.59
N GLY A 540 4.16 -18.04 -14.46
CA GLY A 540 3.20 -17.72 -15.50
C GLY A 540 2.24 -18.85 -15.85
N VAL A 541 2.06 -19.82 -14.96
CA VAL A 541 1.18 -20.94 -15.24
C VAL A 541 -0.30 -20.63 -14.97
N LYS A 542 -1.12 -20.82 -15.99
CA LYS A 542 -2.56 -20.61 -15.87
C LYS A 542 -3.11 -21.89 -15.27
N TYR A 543 -3.00 -22.01 -13.96
CA TYR A 543 -3.43 -23.18 -13.23
C TYR A 543 -4.92 -23.17 -12.90
N TYR A 544 -5.60 -22.10 -13.27
CA TYR A 544 -7.02 -21.99 -12.96
C TYR A 544 -7.83 -21.53 -14.15
N VAL A 545 -9.14 -21.60 -14.01
CA VAL A 545 -10.03 -21.16 -15.06
C VAL A 545 -11.10 -20.31 -14.38
N LEU A 546 -11.46 -19.23 -15.05
CA LEU A 546 -12.44 -18.28 -14.54
C LEU A 546 -13.72 -18.31 -15.38
N ASP A 547 -14.80 -18.78 -14.75
CA ASP A 547 -16.10 -18.85 -15.41
C ASP A 547 -16.71 -17.46 -15.40
N TYR A 548 -16.15 -16.58 -16.23
CA TYR A 548 -16.59 -15.20 -16.31
C TYR A 548 -15.85 -14.56 -17.46
N ARG A 549 -16.43 -13.52 -18.04
CA ARG A 549 -15.77 -12.83 -19.14
C ARG A 549 -15.89 -11.35 -18.91
N PHE A 550 -14.80 -10.63 -19.07
CA PHE A 550 -14.77 -9.20 -18.89
C PHE A 550 -15.15 -8.55 -20.21
N ASN A 551 -16.00 -7.53 -20.17
CA ASN A 551 -16.42 -6.88 -21.41
C ASN A 551 -15.37 -5.87 -21.84
N TYR A 552 -14.13 -6.35 -21.92
CA TYR A 552 -12.98 -5.53 -22.31
C TYR A 552 -12.00 -6.41 -23.07
N ASP A 553 -11.17 -5.79 -23.89
CA ASP A 553 -10.17 -6.53 -24.64
C ASP A 553 -9.07 -6.94 -23.68
N TYR A 554 -8.67 -5.99 -22.84
CA TYR A 554 -7.63 -6.16 -21.84
C TYR A 554 -7.93 -5.30 -20.63
N ILE A 555 -7.53 -5.77 -19.45
CA ILE A 555 -7.67 -4.99 -18.23
C ILE A 555 -6.21 -4.68 -17.90
N ILE A 556 -5.89 -3.41 -17.74
CA ILE A 556 -4.53 -2.99 -17.47
C ILE A 556 -4.35 -2.18 -16.19
N GLY A 557 -3.42 -2.62 -15.34
CA GLY A 557 -3.17 -1.89 -14.11
C GLY A 557 -1.83 -1.20 -14.25
N ILE A 558 -1.78 0.10 -13.96
CA ILE A 558 -0.51 0.82 -14.05
C ILE A 558 -0.18 1.44 -12.70
N ASP A 559 1.02 2.00 -12.61
CA ASP A 559 1.47 2.63 -11.39
C ASP A 559 2.74 3.35 -11.73
N VAL A 560 2.87 4.57 -11.22
CA VAL A 560 4.05 5.40 -11.50
C VAL A 560 5.03 5.45 -10.32
N ALA A 561 6.28 5.13 -10.61
CA ALA A 561 7.33 5.14 -9.58
C ALA A 561 8.68 5.31 -10.28
N PRO A 562 9.00 6.55 -10.67
CA PRO A 562 10.25 6.88 -11.35
C PRO A 562 11.49 6.35 -10.65
N MET A 563 12.34 5.68 -11.42
CA MET A 563 13.58 5.11 -10.90
C MET A 563 14.59 5.03 -12.04
N LYS A 564 15.78 5.58 -11.86
CA LYS A 564 16.76 5.49 -12.93
C LYS A 564 17.46 4.14 -12.85
N ARG A 565 17.66 3.50 -13.99
CA ARG A 565 18.32 2.20 -14.01
C ARG A 565 19.27 2.08 -15.21
N SER A 566 20.25 1.19 -15.12
CA SER A 566 21.23 0.98 -16.20
C SER A 566 20.60 1.17 -17.58
N GLU A 567 20.90 2.32 -18.19
CA GLU A 567 20.34 2.67 -19.49
C GLU A 567 18.86 2.35 -19.36
N GLY A 568 18.14 3.19 -18.63
CA GLY A 568 16.73 2.95 -18.44
C GLY A 568 15.87 4.15 -18.16
N TYR A 569 15.86 4.59 -16.90
CA TYR A 569 15.00 5.70 -16.51
C TYR A 569 13.59 5.09 -16.70
N ILE A 570 13.06 4.48 -15.64
CA ILE A 570 11.76 3.85 -15.72
C ILE A 570 10.75 4.62 -14.88
N GLY A 571 9.69 5.10 -15.54
CA GLY A 571 8.69 5.88 -14.86
C GLY A 571 7.57 5.15 -14.15
N GLY A 572 7.39 3.87 -14.43
CA GLY A 572 6.33 3.14 -13.79
C GLY A 572 6.19 1.74 -14.30
N SER A 573 4.96 1.21 -14.26
CA SER A 573 4.72 -0.16 -14.72
C SER A 573 3.28 -0.43 -15.14
N ALA A 574 3.09 -1.46 -15.94
CA ALA A 574 1.78 -1.84 -16.42
C ALA A 574 1.67 -3.36 -16.40
N VAL A 575 0.55 -3.88 -15.89
CA VAL A 575 0.34 -5.32 -15.86
C VAL A 575 -0.96 -5.63 -16.60
N MET A 576 -0.87 -6.51 -17.59
CA MET A 576 -2.02 -6.82 -18.43
C MET A 576 -2.73 -8.14 -18.25
N PHE A 577 -4.05 -8.05 -18.05
CA PHE A 577 -4.94 -9.20 -17.92
C PHE A 577 -5.86 -9.23 -19.13
N ASP A 578 -6.17 -10.42 -19.64
CA ASP A 578 -7.06 -10.54 -20.79
C ASP A 578 -8.49 -10.77 -20.28
N SER A 579 -9.46 -10.73 -21.18
CA SER A 579 -10.87 -10.90 -20.79
C SER A 579 -11.21 -12.20 -20.05
N GLN A 580 -10.33 -13.20 -20.15
CA GLN A 580 -10.55 -14.47 -19.44
C GLN A 580 -10.03 -14.34 -18.01
N GLY A 581 -9.41 -13.20 -17.70
CA GLY A 581 -8.91 -13.00 -16.36
C GLY A 581 -7.54 -13.63 -16.13
N TYR A 582 -6.77 -13.78 -17.21
CA TYR A 582 -5.42 -14.33 -17.07
C TYR A 582 -4.41 -13.21 -17.26
N ILE A 583 -3.31 -13.29 -16.52
CA ILE A 583 -2.26 -12.28 -16.62
C ILE A 583 -1.41 -12.69 -17.80
N ARG A 584 -1.23 -11.79 -18.76
CA ARG A 584 -0.47 -12.13 -19.94
C ARG A 584 0.86 -11.39 -20.12
N LYS A 585 0.90 -10.12 -19.76
CA LYS A 585 2.13 -9.33 -19.90
C LYS A 585 2.41 -8.38 -18.72
N ILE A 586 3.69 -8.24 -18.39
CA ILE A 586 4.14 -7.35 -17.32
C ILE A 586 5.25 -6.51 -17.93
N VAL A 587 5.06 -5.20 -18.05
CA VAL A 587 6.09 -4.36 -18.66
C VAL A 587 6.54 -3.15 -17.86
N PRO A 588 7.81 -2.73 -18.05
CA PRO A 588 8.38 -1.57 -17.37
C PRO A 588 8.06 -0.42 -18.30
N ILE A 589 7.94 0.79 -17.78
CA ILE A 589 7.64 1.91 -18.66
C ILE A 589 8.78 2.91 -18.67
N LYS A 590 9.66 2.72 -19.65
CA LYS A 590 10.84 3.56 -19.83
C LYS A 590 10.42 4.92 -20.34
N ILE A 591 11.03 5.97 -19.81
CA ILE A 591 10.73 7.32 -20.23
C ILE A 591 11.98 8.19 -20.28
N GLY A 592 11.83 9.42 -20.77
CA GLY A 592 12.94 10.33 -20.85
C GLY A 592 13.17 11.02 -19.52
N GLU A 593 14.31 11.71 -19.41
CA GLU A 593 14.65 12.43 -18.20
C GLU A 593 13.63 13.55 -17.98
N GLN A 594 12.87 13.44 -16.89
CA GLN A 594 11.85 14.43 -16.56
C GLN A 594 12.27 15.89 -16.76
N ARG A 595 11.55 16.58 -17.63
CA ARG A 595 11.78 17.98 -17.92
C ARG A 595 11.30 18.80 -16.73
N GLY A 596 9.99 19.01 -16.66
CA GLY A 596 9.40 19.75 -15.55
C GLY A 596 9.09 18.84 -14.37
N GLU A 597 8.83 19.44 -13.21
CA GLU A 597 8.51 18.66 -12.02
C GLU A 597 7.16 17.95 -12.16
N SER A 598 7.11 16.97 -13.06
CA SER A 598 5.90 16.20 -13.33
C SER A 598 6.16 15.28 -14.50
N VAL A 599 5.77 14.01 -14.37
CA VAL A 599 5.97 13.05 -15.44
C VAL A 599 5.03 13.35 -16.59
N ASP A 600 5.55 13.20 -17.80
CA ASP A 600 4.78 13.42 -19.02
C ASP A 600 3.98 12.14 -19.28
N MET A 601 2.77 12.10 -18.76
CA MET A 601 1.94 10.91 -18.91
C MET A 601 1.70 10.54 -20.37
N ASN A 602 1.63 11.55 -21.22
CA ASN A 602 1.42 11.29 -22.64
C ASN A 602 2.54 10.37 -23.10
N GLU A 603 3.77 10.70 -22.70
CA GLU A 603 4.93 9.90 -23.08
C GLU A 603 4.79 8.54 -22.40
N PHE A 604 4.44 8.60 -21.12
CA PHE A 604 4.28 7.41 -20.31
C PHE A 604 3.33 6.41 -20.95
N PHE A 605 2.09 6.84 -21.17
CA PHE A 605 1.11 5.94 -21.75
C PHE A 605 1.39 5.54 -23.18
N LYS A 606 2.15 6.36 -23.92
CA LYS A 606 2.47 6.00 -25.28
C LYS A 606 3.49 4.87 -25.20
N GLU A 607 4.46 5.02 -24.31
CA GLU A 607 5.48 4.00 -24.14
C GLU A 607 4.80 2.70 -23.68
N MET A 608 3.65 2.86 -23.04
CA MET A 608 2.91 1.69 -22.60
C MET A 608 2.42 0.98 -23.85
N VAL A 609 1.76 1.72 -24.73
CA VAL A 609 1.27 1.13 -25.97
C VAL A 609 2.43 0.52 -26.76
N ASP A 610 3.53 1.26 -26.88
CA ASP A 610 4.66 0.75 -27.64
C ASP A 610 5.29 -0.47 -27.01
N LYS A 611 5.45 -0.45 -25.69
CA LYS A 611 6.08 -1.57 -25.02
C LYS A 611 5.27 -2.86 -25.19
N PHE A 612 3.96 -2.75 -25.15
CA PHE A 612 3.11 -3.91 -25.32
C PHE A 612 3.23 -4.52 -26.70
N LYS A 613 3.47 -3.65 -27.69
CA LYS A 613 3.64 -4.11 -29.07
C LYS A 613 4.92 -4.95 -29.10
N GLU A 614 5.94 -4.44 -28.43
CA GLU A 614 7.22 -5.12 -28.34
C GLU A 614 6.97 -6.52 -27.80
N PHE A 615 5.99 -6.62 -26.90
CA PHE A 615 5.66 -7.90 -26.27
C PHE A 615 4.55 -8.71 -26.96
N ASN A 616 4.15 -8.28 -28.15
CA ASN A 616 3.11 -8.97 -28.92
C ASN A 616 1.67 -8.64 -28.58
N ILE A 617 1.38 -7.37 -28.36
CA ILE A 617 0.02 -6.94 -28.06
C ILE A 617 -0.23 -5.53 -28.54
N LYS A 618 -1.07 -5.39 -29.55
CA LYS A 618 -1.43 -4.07 -30.09
C LYS A 618 -2.71 -3.66 -29.38
N LEU A 619 -2.76 -2.44 -28.88
CA LEU A 619 -3.95 -1.98 -28.20
C LEU A 619 -4.84 -1.17 -29.13
N ASP A 620 -4.26 -0.60 -30.18
CA ASP A 620 -5.06 0.20 -31.09
C ASP A 620 -6.37 -0.51 -31.42
N ASN A 621 -7.41 0.27 -31.66
CA ASN A 621 -8.74 -0.25 -31.96
C ASN A 621 -9.17 -1.36 -31.00
N LYS A 622 -8.96 -1.11 -29.71
CA LYS A 622 -9.32 -2.04 -28.65
C LYS A 622 -9.94 -1.28 -27.48
N LYS A 623 -10.72 -2.01 -26.69
CA LYS A 623 -11.39 -1.46 -25.53
C LYS A 623 -10.67 -2.03 -24.32
N ILE A 624 -10.27 -1.14 -23.41
CA ILE A 624 -9.57 -1.58 -22.21
C ILE A 624 -10.07 -0.88 -20.96
N LEU A 625 -9.87 -1.56 -19.84
CA LEU A 625 -10.23 -1.01 -18.56
C LEU A 625 -8.88 -0.75 -17.92
N LEU A 626 -8.47 0.50 -17.90
CA LEU A 626 -7.20 0.87 -17.32
C LEU A 626 -7.44 1.36 -15.91
N LEU A 627 -6.71 0.77 -14.97
CA LEU A 627 -6.85 1.11 -13.55
C LEU A 627 -5.48 1.40 -12.95
N ARG A 628 -5.43 2.28 -11.97
CA ARG A 628 -4.16 2.57 -11.34
C ARG A 628 -4.27 2.49 -9.82
N ASP A 629 -3.12 2.58 -9.16
CA ASP A 629 -3.11 2.56 -7.71
C ASP A 629 -3.42 3.94 -7.17
N GLY A 630 -4.70 4.25 -7.04
CA GLY A 630 -5.08 5.53 -6.52
C GLY A 630 -5.98 6.35 -7.41
N ARG A 631 -6.09 7.63 -7.07
CA ARG A 631 -6.91 8.55 -7.84
C ARG A 631 -6.25 8.73 -9.20
N ILE A 632 -7.05 8.96 -10.24
CA ILE A 632 -6.53 9.19 -11.58
C ILE A 632 -6.37 10.71 -11.67
N THR A 633 -5.13 11.18 -11.78
CA THR A 633 -4.83 12.62 -11.87
C THR A 633 -5.16 13.18 -13.25
N ASN A 634 -5.48 14.47 -13.28
CA ASN A 634 -5.82 15.16 -14.53
C ASN A 634 -4.79 14.88 -15.63
N ASN A 635 -3.52 14.97 -15.25
CA ASN A 635 -2.41 14.72 -16.17
C ASN A 635 -2.47 13.31 -16.72
N GLU A 636 -2.81 12.34 -15.89
CA GLU A 636 -2.90 10.97 -16.36
C GLU A 636 -4.08 10.86 -17.32
N GLU A 637 -5.09 11.69 -17.08
CA GLU A 637 -6.25 11.69 -17.95
C GLU A 637 -5.80 12.15 -19.33
N GLU A 638 -5.13 13.30 -19.38
CA GLU A 638 -4.64 13.82 -20.66
C GLU A 638 -3.88 12.73 -21.40
N GLY A 639 -2.98 12.08 -20.67
CA GLY A 639 -2.16 11.03 -21.25
C GLY A 639 -3.04 9.96 -21.82
N LEU A 640 -4.18 9.75 -21.18
CA LEU A 640 -5.11 8.73 -21.67
C LEU A 640 -5.90 9.25 -22.87
N LYS A 641 -6.17 10.55 -22.91
CA LYS A 641 -6.89 11.09 -24.05
C LYS A 641 -5.91 11.01 -25.21
N TYR A 642 -4.67 11.40 -24.92
CA TYR A 642 -3.59 11.39 -25.89
C TYR A 642 -3.48 10.03 -26.57
N ILE A 643 -3.33 9.01 -25.74
CA ILE A 643 -3.18 7.64 -26.19
C ILE A 643 -4.47 7.14 -26.86
N SER A 644 -5.61 7.68 -26.45
CA SER A 644 -6.90 7.30 -27.01
C SER A 644 -7.01 7.65 -28.49
N GLU A 645 -6.75 8.91 -28.81
CA GLU A 645 -6.81 9.40 -30.19
C GLU A 645 -5.73 8.77 -31.07
N MET A 646 -4.49 8.91 -30.66
CA MET A 646 -3.36 8.40 -31.42
C MET A 646 -3.42 6.91 -31.80
N PHE A 647 -4.10 6.10 -30.99
CA PHE A 647 -4.19 4.68 -31.29
C PHE A 647 -5.62 4.18 -31.39
N ASP A 648 -6.58 5.11 -31.35
CA ASP A 648 -7.99 4.75 -31.41
C ASP A 648 -8.27 3.67 -30.38
N ILE A 649 -7.89 3.97 -29.14
CA ILE A 649 -8.10 3.06 -28.03
C ILE A 649 -9.28 3.59 -27.20
N GLU A 650 -10.22 2.71 -26.87
CA GLU A 650 -11.37 3.08 -26.05
C GLU A 650 -10.98 2.79 -24.60
N VAL A 651 -10.74 3.84 -23.83
CA VAL A 651 -10.33 3.68 -22.45
C VAL A 651 -11.39 3.95 -21.37
N VAL A 652 -11.71 2.89 -20.61
CA VAL A 652 -12.65 3.01 -19.51
C VAL A 652 -11.76 3.03 -18.26
N THR A 653 -11.90 4.07 -17.44
CA THR A 653 -11.08 4.19 -16.24
C THR A 653 -11.85 4.78 -15.07
N MET A 654 -11.28 4.69 -13.88
CA MET A 654 -11.87 5.22 -12.65
C MET A 654 -10.83 5.21 -11.53
N ASP A 655 -11.14 5.88 -10.42
CA ASP A 655 -10.22 5.88 -9.28
C ASP A 655 -10.39 4.57 -8.53
N VAL A 656 -9.28 4.00 -8.08
CA VAL A 656 -9.33 2.77 -7.30
C VAL A 656 -8.51 3.10 -6.07
N ILE A 657 -9.19 3.61 -5.05
CA ILE A 657 -8.57 4.04 -3.81
C ILE A 657 -8.59 3.00 -2.69
N LYS A 658 -7.43 2.75 -2.11
CA LYS A 658 -7.30 1.80 -1.02
C LYS A 658 -7.04 2.54 0.28
N ASN A 659 -6.72 3.83 0.17
CA ASN A 659 -6.46 4.64 1.33
C ASN A 659 -7.48 5.74 1.47
N HIS A 660 -8.56 5.41 2.18
CA HIS A 660 -9.66 6.33 2.45
C HIS A 660 -9.99 6.00 3.91
N PRO A 661 -10.73 6.86 4.59
CA PRO A 661 -11.06 6.60 5.99
C PRO A 661 -12.42 5.95 6.28
N VAL A 662 -13.27 5.80 5.26
CA VAL A 662 -14.60 5.23 5.44
C VAL A 662 -14.57 3.76 5.88
N ARG A 663 -15.28 3.44 6.96
CA ARG A 663 -15.30 2.07 7.46
C ARG A 663 -16.70 1.60 7.81
N ALA A 664 -17.01 0.36 7.42
CA ALA A 664 -18.30 -0.26 7.70
C ALA A 664 -18.07 -1.30 8.79
N PHE A 665 -18.73 -1.12 9.93
CA PHE A 665 -18.55 -2.04 11.05
C PHE A 665 -19.29 -3.36 10.98
N ALA A 666 -18.92 -4.15 9.97
CA ALA A 666 -19.48 -5.46 9.72
C ALA A 666 -18.38 -6.21 8.98
N ASN A 667 -18.22 -7.51 9.26
CA ASN A 667 -17.19 -8.29 8.59
C ASN A 667 -17.82 -9.20 7.54
N MET A 668 -18.24 -8.63 6.42
CA MET A 668 -18.85 -9.42 5.37
C MET A 668 -18.68 -8.79 4.01
N LYS A 669 -18.70 -9.63 2.99
CA LYS A 669 -18.55 -9.18 1.63
C LYS A 669 -19.79 -8.37 1.32
N MET A 670 -19.58 -7.14 0.86
CA MET A 670 -20.66 -6.22 0.56
C MET A 670 -20.13 -5.05 -0.28
N TYR A 671 -21.00 -4.10 -0.54
CA TYR A 671 -20.64 -2.91 -1.27
C TYR A 671 -21.80 -1.92 -1.18
N PHE A 672 -21.52 -0.63 -1.15
CA PHE A 672 -22.57 0.36 -1.06
C PHE A 672 -22.16 1.66 -1.71
N ASN A 673 -23.13 2.55 -1.92
CA ASN A 673 -22.85 3.84 -2.51
C ASN A 673 -22.80 4.86 -1.39
N LEU A 674 -21.80 5.73 -1.41
CA LEU A 674 -21.68 6.75 -0.40
C LEU A 674 -20.96 7.95 -0.98
N GLY A 675 -21.67 9.08 -1.02
CA GLY A 675 -21.10 10.30 -1.53
C GLY A 675 -20.76 10.29 -3.01
N GLY A 676 -21.43 9.44 -3.79
CA GLY A 676 -21.13 9.40 -5.21
C GLY A 676 -19.99 8.47 -5.55
N ALA A 677 -19.57 7.67 -4.58
CA ALA A 677 -18.50 6.71 -4.82
C ALA A 677 -19.03 5.36 -4.38
N ILE A 678 -18.30 4.29 -4.69
CA ILE A 678 -18.75 2.97 -4.30
C ILE A 678 -17.68 2.30 -3.44
N TYR A 679 -18.11 1.79 -2.28
CA TYR A 679 -17.20 1.11 -1.36
C TYR A 679 -17.46 -0.38 -1.43
N LEU A 680 -16.39 -1.16 -1.55
CA LEU A 680 -16.49 -2.60 -1.69
C LEU A 680 -15.56 -3.39 -0.78
N ILE A 681 -16.11 -4.42 -0.14
CA ILE A 681 -15.32 -5.32 0.69
C ILE A 681 -15.28 -6.66 -0.07
N PRO A 682 -14.17 -6.92 -0.78
CA PRO A 682 -13.93 -8.13 -1.59
C PRO A 682 -14.03 -9.46 -0.85
N HIS A 683 -13.87 -9.42 0.47
CA HIS A 683 -13.94 -10.63 1.26
C HIS A 683 -13.95 -10.29 2.74
N LYS A 684 -14.31 -11.26 3.56
CA LYS A 684 -14.36 -11.07 5.01
C LYS A 684 -13.12 -11.62 5.65
N LEU A 685 -12.70 -11.02 6.76
CA LEU A 685 -11.52 -11.49 7.48
C LEU A 685 -11.94 -12.83 8.10
N LYS A 686 -11.28 -13.91 7.71
CA LYS A 686 -11.64 -15.24 8.21
C LYS A 686 -10.84 -15.72 9.44
N GLN A 687 -9.58 -15.34 9.52
CA GLN A 687 -8.75 -15.76 10.64
C GLN A 687 -8.32 -14.56 11.49
N ALA A 688 -7.50 -13.71 10.91
CA ALA A 688 -6.97 -12.53 11.61
C ALA A 688 -8.01 -11.53 12.10
N LYS A 689 -7.70 -10.92 13.24
CA LYS A 689 -8.55 -9.90 13.86
C LYS A 689 -8.38 -8.56 13.13
N GLY A 690 -9.40 -7.71 13.22
CA GLY A 690 -9.35 -6.42 12.56
C GLY A 690 -10.68 -6.04 11.93
N THR A 691 -10.68 -4.94 11.17
CA THR A 691 -11.86 -4.45 10.47
C THR A 691 -11.51 -4.43 8.98
N PRO A 692 -12.45 -4.83 8.11
CA PRO A 692 -12.16 -4.82 6.67
C PRO A 692 -12.01 -3.41 6.10
N ILE A 693 -11.09 -3.27 5.16
CA ILE A 693 -10.84 -1.98 4.52
C ILE A 693 -11.43 -2.03 3.12
N PRO A 694 -12.49 -1.26 2.88
CA PRO A 694 -13.15 -1.24 1.59
C PRO A 694 -12.24 -0.69 0.53
N ILE A 695 -12.51 -1.04 -0.72
CA ILE A 695 -11.76 -0.54 -1.85
C ILE A 695 -12.70 0.53 -2.33
N LYS A 696 -12.20 1.75 -2.54
CA LYS A 696 -13.06 2.85 -3.00
C LYS A 696 -12.99 3.08 -4.52
N LEU A 697 -14.14 3.07 -5.18
CA LEU A 697 -14.23 3.27 -6.62
C LEU A 697 -14.93 4.61 -6.86
N ALA A 698 -14.43 5.42 -7.78
CA ALA A 698 -15.05 6.71 -8.02
C ALA A 698 -14.67 7.42 -9.33
N LYS A 699 -15.50 8.38 -9.71
CA LYS A 699 -15.28 9.16 -10.91
C LYS A 699 -14.89 8.34 -12.13
N LYS A 700 -15.73 7.39 -12.49
CA LYS A 700 -15.52 6.52 -13.63
C LYS A 700 -15.68 7.38 -14.87
N ARG A 701 -15.07 6.97 -15.98
CA ARG A 701 -15.16 7.71 -17.22
C ARG A 701 -14.78 6.86 -18.43
N ILE A 702 -15.28 7.24 -19.60
CA ILE A 702 -14.92 6.52 -20.80
C ILE A 702 -14.27 7.53 -21.72
N ILE A 703 -13.16 7.14 -22.34
CA ILE A 703 -12.41 8.01 -23.21
C ILE A 703 -12.30 7.43 -24.61
N LYS A 704 -13.07 8.00 -25.55
CA LYS A 704 -13.04 7.57 -26.94
C LYS A 704 -12.58 8.77 -27.75
N ASN A 705 -11.69 8.52 -28.70
CA ASN A 705 -11.16 9.59 -29.55
C ASN A 705 -10.75 10.81 -28.74
N GLY A 706 -9.72 10.65 -27.90
CA GLY A 706 -9.24 11.76 -27.09
C GLY A 706 -10.32 12.51 -26.35
N LYS A 707 -11.48 11.87 -26.13
CA LYS A 707 -12.54 12.55 -25.42
C LYS A 707 -13.04 11.87 -24.15
N VAL A 708 -13.14 12.67 -23.10
CA VAL A 708 -13.57 12.23 -21.78
C VAL A 708 -15.05 12.47 -21.54
N GLU A 709 -15.75 11.42 -21.12
CA GLU A 709 -17.18 11.51 -20.83
C GLU A 709 -17.46 10.80 -19.50
N LYS A 710 -17.71 11.60 -18.45
CA LYS A 710 -17.97 11.07 -17.11
C LYS A 710 -19.07 10.02 -17.10
N GLN A 711 -18.83 8.95 -16.36
CA GLN A 711 -19.77 7.84 -16.26
C GLN A 711 -20.20 7.60 -14.83
N SER A 712 -21.00 6.55 -14.64
CA SER A 712 -21.47 6.19 -13.32
C SER A 712 -21.08 4.74 -13.10
N ILE A 713 -20.64 4.42 -11.90
CA ILE A 713 -20.25 3.05 -11.60
C ILE A 713 -21.47 2.15 -11.46
N THR A 714 -21.56 1.14 -12.33
CA THR A 714 -22.68 0.22 -12.33
C THR A 714 -22.40 -1.07 -11.56
N ARG A 715 -23.45 -1.81 -11.25
CA ARG A 715 -23.32 -3.07 -10.54
C ARG A 715 -22.35 -3.98 -11.27
N GLN A 716 -22.33 -3.89 -12.60
CA GLN A 716 -21.43 -4.72 -13.38
C GLN A 716 -19.99 -4.25 -13.12
N ASP A 717 -19.80 -2.94 -13.03
CA ASP A 717 -18.48 -2.39 -12.74
C ASP A 717 -17.96 -3.00 -11.43
N VAL A 718 -18.77 -2.92 -10.39
CA VAL A 718 -18.41 -3.44 -9.08
C VAL A 718 -18.11 -4.94 -9.13
N LEU A 719 -18.84 -5.67 -9.97
CA LEU A 719 -18.64 -7.11 -10.12
C LEU A 719 -17.28 -7.36 -10.77
N ASP A 720 -16.94 -6.55 -11.77
CA ASP A 720 -15.65 -6.71 -12.43
C ASP A 720 -14.52 -6.54 -11.41
N ILE A 721 -14.61 -5.49 -10.60
CA ILE A 721 -13.58 -5.23 -9.61
C ILE A 721 -13.51 -6.39 -8.63
N PHE A 722 -14.68 -6.90 -8.26
CA PHE A 722 -14.75 -8.02 -7.33
C PHE A 722 -13.97 -9.23 -7.85
N ILE A 723 -14.26 -9.65 -9.07
CA ILE A 723 -13.58 -10.79 -9.65
C ILE A 723 -12.09 -10.55 -9.77
N LEU A 724 -11.73 -9.35 -10.22
CA LEU A 724 -10.33 -8.97 -10.38
C LEU A 724 -9.62 -8.99 -9.05
N THR A 725 -10.34 -8.67 -7.97
CA THR A 725 -9.74 -8.64 -6.65
C THR A 725 -9.51 -10.03 -6.09
N ARG A 726 -10.37 -10.97 -6.47
CA ARG A 726 -10.21 -12.34 -5.99
C ARG A 726 -9.13 -13.13 -6.71
N LEU A 727 -8.42 -12.47 -7.61
CA LEU A 727 -7.34 -13.13 -8.33
C LEU A 727 -6.03 -12.91 -7.57
N ASN A 728 -6.01 -13.35 -6.31
CA ASN A 728 -4.86 -13.19 -5.41
C ASN A 728 -3.79 -14.27 -5.52
N TYR A 729 -3.97 -15.18 -6.47
CA TYR A 729 -3.00 -16.23 -6.71
C TYR A 729 -2.50 -16.99 -5.48
N GLY A 730 -3.41 -17.72 -4.84
CA GLY A 730 -3.08 -18.51 -3.67
C GLY A 730 -2.23 -17.88 -2.57
N SER A 731 -2.17 -16.55 -2.53
CA SER A 731 -1.39 -15.89 -1.50
C SER A 731 -2.04 -16.08 -0.13
N ILE A 732 -1.49 -17.02 0.65
CA ILE A 732 -2.02 -17.30 1.98
C ILE A 732 -2.22 -15.95 2.66
N SER A 733 -3.23 -15.87 3.53
CA SER A 733 -3.52 -14.62 4.23
C SER A 733 -3.98 -13.57 3.23
N ALA A 734 -5.23 -13.67 2.81
CA ALA A 734 -5.81 -12.74 1.84
C ALA A 734 -5.98 -11.32 2.38
N ASP A 735 -5.22 -10.38 1.81
CA ASP A 735 -5.26 -8.98 2.20
C ASP A 735 -5.19 -8.11 0.94
N MET A 736 -5.28 -8.74 -0.22
CA MET A 736 -5.22 -8.03 -1.49
C MET A 736 -6.41 -7.06 -1.55
N ARG A 737 -6.14 -5.79 -1.30
CA ARG A 737 -7.17 -4.75 -1.31
C ARG A 737 -7.12 -3.97 -2.63
N LEU A 738 -6.78 -4.66 -3.71
CA LEU A 738 -6.71 -4.00 -5.00
C LEU A 738 -6.88 -5.04 -6.08
N PRO A 739 -7.63 -4.72 -7.15
CA PRO A 739 -7.81 -5.70 -8.21
C PRO A 739 -6.42 -6.20 -8.58
N ALA A 740 -6.24 -7.49 -8.80
CA ALA A 740 -4.93 -8.02 -9.13
C ALA A 740 -4.12 -7.16 -10.12
N PRO A 741 -4.75 -6.64 -11.18
CA PRO A 741 -4.03 -5.81 -12.14
C PRO A 741 -3.29 -4.62 -11.51
N VAL A 742 -3.96 -3.89 -10.63
CA VAL A 742 -3.33 -2.75 -9.97
C VAL A 742 -2.37 -3.24 -8.91
N HIS A 743 -2.77 -4.29 -8.20
CA HIS A 743 -1.94 -4.85 -7.15
C HIS A 743 -0.56 -5.21 -7.71
N TYR A 744 -0.54 -6.12 -8.66
CA TYR A 744 0.69 -6.54 -9.28
C TYR A 744 1.38 -5.39 -10.00
N ALA A 745 0.62 -4.43 -10.48
CA ALA A 745 1.22 -3.29 -11.12
C ALA A 745 2.10 -2.63 -10.06
N HIS A 746 1.50 -2.38 -8.88
CA HIS A 746 2.19 -1.76 -7.76
C HIS A 746 3.42 -2.57 -7.37
N LYS A 747 3.24 -3.87 -7.20
CA LYS A 747 4.34 -4.74 -6.81
C LYS A 747 5.53 -4.67 -7.73
N PHE A 748 5.29 -4.58 -9.03
CA PHE A 748 6.38 -4.54 -10.00
C PHE A 748 7.12 -3.22 -9.96
N ALA A 749 6.37 -2.12 -9.84
CA ALA A 749 6.97 -0.81 -9.73
C ALA A 749 7.96 -0.88 -8.58
N ASN A 750 7.56 -1.55 -7.49
CA ASN A 750 8.44 -1.71 -6.34
C ASN A 750 9.67 -2.52 -6.72
N ALA A 751 9.46 -3.70 -7.29
CA ALA A 751 10.57 -4.56 -7.69
C ALA A 751 11.63 -3.81 -8.49
N ILE A 752 11.18 -2.91 -9.36
CA ILE A 752 12.09 -2.14 -10.18
C ILE A 752 12.86 -1.16 -9.30
N ARG A 753 12.16 -0.51 -8.39
CA ARG A 753 12.77 0.45 -7.48
C ARG A 753 13.69 -0.27 -6.52
N ASN A 754 13.59 -1.60 -6.44
CA ASN A 754 14.43 -2.35 -5.52
C ASN A 754 15.60 -3.08 -6.16
N GLU A 755 15.88 -2.76 -7.42
CA GLU A 755 17.00 -3.36 -8.14
C GLU A 755 16.76 -4.82 -8.53
N TRP A 756 15.52 -5.15 -8.86
CA TRP A 756 15.21 -6.52 -9.29
C TRP A 756 15.57 -6.68 -10.76
N LYS A 757 16.10 -7.85 -11.13
CA LYS A 757 16.42 -8.05 -12.54
C LYS A 757 15.12 -8.11 -13.34
N ILE A 758 15.12 -7.49 -14.50
CA ILE A 758 13.95 -7.46 -15.35
C ILE A 758 14.01 -8.46 -16.52
N LYS A 759 13.82 -9.77 -16.26
CA LYS A 759 13.85 -10.77 -17.34
C LYS A 759 12.68 -10.55 -18.26
N GLU A 760 12.87 -9.83 -19.35
CA GLU A 760 11.75 -9.60 -20.25
C GLU A 760 11.15 -10.91 -20.76
N GLU A 761 11.97 -11.96 -20.83
CA GLU A 761 11.47 -13.24 -21.30
C GLU A 761 10.37 -13.77 -20.39
N PHE A 762 10.59 -13.71 -19.08
CA PHE A 762 9.57 -14.18 -18.13
C PHE A 762 8.37 -13.23 -18.08
N LEU A 763 8.64 -11.93 -18.04
CA LEU A 763 7.58 -10.94 -17.97
C LEU A 763 6.61 -11.01 -19.13
N ALA A 764 7.10 -11.45 -20.28
CA ALA A 764 6.28 -11.56 -21.48
C ALA A 764 5.27 -12.70 -21.39
N GLU A 765 5.52 -13.63 -20.46
CA GLU A 765 4.64 -14.78 -20.23
C GLU A 765 3.83 -14.65 -18.93
N GLY A 766 3.92 -13.49 -18.29
CA GLY A 766 3.18 -13.26 -17.07
C GLY A 766 3.78 -13.79 -15.77
N PHE A 767 5.07 -14.14 -15.79
CA PHE A 767 5.75 -14.62 -14.59
C PHE A 767 5.73 -13.61 -13.43
N LEU A 768 5.11 -13.98 -12.32
CA LEU A 768 5.05 -13.07 -11.18
C LEU A 768 6.20 -13.46 -10.25
N TYR A 769 7.41 -13.40 -10.79
CA TYR A 769 8.62 -13.77 -10.04
C TYR A 769 9.07 -12.77 -9.00
N PHE A 770 8.68 -11.51 -9.19
CA PHE A 770 9.03 -10.42 -8.29
C PHE A 770 8.07 -10.30 -7.11
N VAL A 771 6.97 -11.02 -7.20
CA VAL A 771 5.95 -11.03 -6.16
C VAL A 771 6.42 -11.85 -4.98
MN MN B . 1.53 1.97 -5.76
#